data_3VKI
#
_entry.id   3VKI
#
_cell.length_a   53.926
_cell.length_b   103.317
_cell.length_c   85.501
_cell.angle_alpha   90.000
_cell.angle_beta   107.260
_cell.angle_gamma   90.000
#
_symmetry.space_group_name_H-M   'P 1 21 1'
#
loop_
_entity.id
_entity.type
_entity.pdbx_description
1 polymer 'Flagella basal body P-ring formation protein flgA'
2 water water
#
_entity_poly.entity_id   1
_entity_poly.type   'polypeptide(L)'
_entity_poly.pdbx_seq_one_letter_code
;QDINAQLTTWFSQRLAGFSDEVVVTLRSSPNLLPSCEQPAFSMTGSAKLWGNVNVVARCANEKRYLQVNVQATGNYVAVA
APIARGGKLTPANVTLKRGRLDQLPPRTVLDIRQIQDAVSLRDLAPGQPVQLTMIRQAWRVKAGQRVQVIANGEGFSVNA
EGQAMNNAAVAQNARVRMTSGQIVSGTVDSDGNILINLDPNSSSVDKLAAALEHHHHHH
;
_entity_poly.pdbx_strand_id   A,B,C,D
#
# COMPACT_ATOMS: atom_id res chain seq x y z
N GLN A 1 15.80 38.28 -14.78
CA GLN A 1 16.54 37.06 -14.49
C GLN A 1 15.71 36.05 -13.70
N ASP A 2 14.63 36.52 -13.10
CA ASP A 2 13.76 35.69 -12.27
C ASP A 2 13.08 34.56 -13.03
N ILE A 3 12.74 34.80 -14.30
CA ILE A 3 12.10 33.79 -15.13
C ILE A 3 12.99 32.58 -15.37
N ASN A 4 14.29 32.82 -15.53
CA ASN A 4 15.25 31.74 -15.71
C ASN A 4 15.35 30.96 -14.41
N ALA A 5 15.31 31.67 -13.29
CA ALA A 5 15.34 31.04 -11.98
C ALA A 5 14.13 30.13 -11.77
N GLN A 6 12.96 30.58 -12.25
CA GLN A 6 11.74 29.79 -12.14
C GLN A 6 11.85 28.53 -13.00
N LEU A 7 12.31 28.71 -14.23
CA LEU A 7 12.47 27.60 -15.16
C LEU A 7 13.54 26.62 -14.68
N THR A 8 14.66 27.16 -14.21
CA THR A 8 15.75 26.34 -13.67
C THR A 8 15.24 25.47 -12.52
N THR A 9 14.49 26.07 -11.61
CA THR A 9 13.89 25.35 -10.49
C THR A 9 12.84 24.35 -10.95
N TRP A 10 11.96 24.79 -11.86
CA TRP A 10 10.92 23.92 -12.41
C TRP A 10 11.50 22.70 -13.12
N PHE A 11 12.59 22.90 -13.85
CA PHE A 11 13.25 21.80 -14.54
C PHE A 11 14.11 20.94 -13.62
N SER A 12 14.76 21.57 -12.64
CA SER A 12 15.55 20.84 -11.66
C SER A 12 14.67 19.84 -10.93
N GLN A 13 13.48 20.29 -10.54
CA GLN A 13 12.50 19.46 -9.85
C GLN A 13 11.95 18.36 -10.75
N ARG A 14 11.66 18.70 -12.00
CA ARG A 14 11.15 17.74 -12.96
C ARG A 14 12.22 16.69 -13.30
N LEU A 15 13.48 17.12 -13.33
CA LEU A 15 14.59 16.22 -13.66
C LEU A 15 15.22 15.55 -12.44
N ALA A 16 14.48 15.52 -11.33
CA ALA A 16 14.97 14.85 -10.12
C ALA A 16 15.14 13.35 -10.34
N GLY A 17 16.27 12.82 -9.89
CA GLY A 17 16.59 11.42 -10.07
C GLY A 17 17.47 11.18 -11.28
N PHE A 18 17.34 12.07 -12.26
CA PHE A 18 18.16 11.99 -13.48
C PHE A 18 19.38 12.90 -13.44
N SER A 19 19.17 14.16 -13.05
CA SER A 19 20.25 15.14 -13.04
C SER A 19 20.46 15.80 -11.68
N ASP A 20 21.70 16.20 -11.42
CA ASP A 20 22.03 16.91 -10.20
C ASP A 20 22.51 18.33 -10.51
N GLU A 21 22.45 18.71 -11.79
CA GLU A 21 22.89 20.04 -12.21
C GLU A 21 22.14 20.48 -13.46
N VAL A 22 21.12 21.33 -13.28
CA VAL A 22 20.28 21.77 -14.38
C VAL A 22 20.32 23.29 -14.58
N VAL A 23 20.46 23.71 -15.84
CA VAL A 23 20.50 25.13 -16.21
C VAL A 23 19.57 25.41 -17.40
N VAL A 24 18.60 26.29 -17.18
CA VAL A 24 17.59 26.62 -18.19
C VAL A 24 17.65 28.07 -18.70
N THR A 25 17.50 28.23 -20.01
CA THR A 25 17.53 29.57 -20.62
C THR A 25 16.38 29.76 -21.63
N LEU A 26 15.65 30.85 -21.47
CA LEU A 26 14.55 31.19 -22.36
C LEU A 26 15.02 31.65 -23.73
N ARG A 27 14.39 31.14 -24.78
CA ARG A 27 14.78 31.52 -26.15
C ARG A 27 13.78 32.50 -26.77
N SER A 28 12.49 32.30 -26.48
CA SER A 28 11.44 33.15 -27.04
C SER A 28 11.44 34.54 -26.39
N SER A 29 10.82 35.50 -27.07
CA SER A 29 10.75 36.88 -26.57
C SER A 29 10.05 37.01 -25.22
N PRO A 30 10.67 37.75 -24.29
CA PRO A 30 10.07 37.98 -22.97
C PRO A 30 8.85 38.91 -23.02
N ASN A 31 8.62 39.55 -24.15
CA ASN A 31 7.44 40.39 -24.34
C ASN A 31 6.21 39.50 -24.55
N LEU A 32 6.44 38.31 -25.07
CA LEU A 32 5.38 37.34 -25.32
C LEU A 32 4.99 36.62 -24.03
N LEU A 33 5.75 36.88 -22.97
CA LEU A 33 5.49 36.28 -21.66
C LEU A 33 4.12 36.71 -21.15
N PRO A 34 3.42 35.81 -20.44
CA PRO A 34 2.11 36.10 -19.87
C PRO A 34 2.15 37.12 -18.74
N SER A 35 1.00 37.73 -18.46
CA SER A 35 0.88 38.81 -17.48
C SER A 35 1.20 38.43 -16.03
N CYS A 36 1.01 37.16 -15.67
CA CYS A 36 1.21 36.74 -14.28
C CYS A 36 2.66 36.81 -13.79
N GLU A 37 2.83 36.99 -12.48
CA GLU A 37 4.16 37.03 -11.88
C GLU A 37 4.82 35.66 -11.94
N GLN A 38 4.10 34.65 -11.46
CA GLN A 38 4.57 33.27 -11.59
C GLN A 38 3.62 32.46 -12.47
N PRO A 39 3.98 32.33 -13.75
CA PRO A 39 3.19 31.51 -14.68
C PRO A 39 3.28 30.04 -14.32
N ALA A 40 2.24 29.29 -14.63
CA ALA A 40 2.23 27.86 -14.38
C ALA A 40 2.80 27.14 -15.58
N PHE A 41 3.83 26.33 -15.37
CA PHE A 41 4.51 25.68 -16.48
C PHE A 41 3.94 24.29 -16.65
N SER A 42 3.56 24.00 -17.88
CA SER A 42 3.05 22.69 -18.24
C SER A 42 3.73 22.18 -19.50
N MET A 43 4.01 20.90 -19.50
CA MET A 43 4.66 20.28 -20.64
C MET A 43 3.58 19.46 -21.31
N THR A 44 2.58 20.16 -21.85
CA THR A 44 1.59 19.46 -22.62
C THR A 44 2.01 19.51 -24.06
N GLY A 45 2.96 18.63 -24.36
CA GLY A 45 3.62 18.54 -25.64
C GLY A 45 4.28 17.18 -25.64
N SER A 46 5.17 16.97 -26.60
CA SER A 46 5.86 15.69 -26.70
C SER A 46 6.73 15.40 -25.46
N ALA A 47 7.17 14.16 -25.36
CA ALA A 47 7.96 13.64 -24.25
C ALA A 47 9.46 13.96 -24.28
N LYS A 48 9.86 15.15 -24.73
CA LYS A 48 11.29 15.47 -24.67
C LYS A 48 11.65 16.19 -23.37
N LEU A 49 12.55 15.55 -22.64
CA LEU A 49 12.98 15.95 -21.31
C LEU A 49 13.79 17.23 -21.24
N TRP A 50 14.73 17.36 -22.17
CA TRP A 50 15.64 18.48 -22.15
C TRP A 50 15.91 19.09 -23.53
N GLY A 51 17.01 19.83 -23.66
CA GLY A 51 17.39 20.49 -24.90
C GLY A 51 16.66 21.75 -25.25
N ASN A 52 16.03 21.77 -26.41
CA ASN A 52 15.26 22.94 -26.81
C ASN A 52 13.83 22.51 -26.91
N VAL A 53 13.04 22.96 -25.95
CA VAL A 53 11.66 22.49 -25.83
C VAL A 53 10.64 23.63 -25.80
N ASN A 54 9.38 23.25 -25.95
CA ASN A 54 8.28 24.20 -25.87
C ASN A 54 7.57 24.06 -24.54
N VAL A 55 7.51 25.14 -23.77
CA VAL A 55 6.82 25.08 -22.49
C VAL A 55 5.59 25.99 -22.46
N VAL A 56 4.46 25.42 -22.07
CA VAL A 56 3.22 26.19 -21.95
C VAL A 56 3.16 26.96 -20.64
N ALA A 57 3.05 28.27 -20.74
CA ALA A 57 2.97 29.13 -19.56
C ALA A 57 1.55 29.63 -19.37
N ARG A 58 0.80 29.00 -18.48
CA ARG A 58 -0.60 29.37 -18.27
C ARG A 58 -0.80 30.49 -17.26
N CYS A 59 -1.60 31.48 -17.64
CA CYS A 59 -1.83 32.67 -16.83
C CYS A 59 -3.32 32.94 -16.68
N ALA A 60 -4.01 32.01 -16.03
CA ALA A 60 -5.45 32.09 -15.82
C ALA A 60 -6.22 32.32 -17.11
N ASN A 61 -6.41 31.24 -17.86
CA ASN A 61 -7.12 31.28 -19.14
C ASN A 61 -6.34 31.92 -20.28
N GLU A 62 -5.23 32.57 -19.92
CA GLU A 62 -4.30 33.15 -20.89
C GLU A 62 -3.19 32.14 -21.17
N LYS A 63 -3.08 31.72 -22.42
CA LYS A 63 -2.15 30.65 -22.81
C LYS A 63 -0.99 31.22 -23.62
N ARG A 64 0.22 30.73 -23.37
CA ARG A 64 1.37 31.24 -24.11
C ARG A 64 2.39 30.13 -24.35
N TYR A 65 3.08 30.15 -25.49
CA TYR A 65 4.11 29.14 -25.76
C TYR A 65 5.54 29.66 -25.71
N LEU A 66 6.28 29.18 -24.72
CA LEU A 66 7.65 29.62 -24.51
C LEU A 66 8.67 28.61 -25.04
N GLN A 67 9.60 29.10 -25.85
CA GLN A 67 10.69 28.28 -26.35
C GLN A 67 11.88 28.40 -25.39
N VAL A 68 12.29 27.28 -24.80
CA VAL A 68 13.37 27.28 -23.81
C VAL A 68 14.51 26.32 -24.11
N ASN A 69 15.66 26.56 -23.48
CA ASN A 69 16.83 25.68 -23.61
C ASN A 69 17.26 25.05 -22.29
N VAL A 70 17.17 23.72 -22.22
CA VAL A 70 17.48 22.99 -20.99
C VAL A 70 18.78 22.19 -21.04
N GLN A 71 19.73 22.57 -20.21
CA GLN A 71 21.01 21.87 -20.06
C GLN A 71 20.97 20.97 -18.83
N ALA A 72 21.33 19.70 -19.01
CA ALA A 72 21.27 18.76 -17.89
C ALA A 72 22.49 17.86 -17.78
N THR A 73 23.02 17.76 -16.57
CA THR A 73 24.15 16.91 -16.26
C THR A 73 23.81 15.81 -15.23
N GLY A 74 24.15 14.57 -15.56
CA GLY A 74 23.86 13.46 -14.68
C GLY A 74 24.51 12.16 -15.11
N ASN A 75 24.06 11.06 -14.53
CA ASN A 75 24.60 9.74 -14.85
C ASN A 75 23.97 9.09 -16.07
N TYR A 76 24.76 8.27 -16.75
CA TYR A 76 24.29 7.47 -17.87
C TYR A 76 25.13 6.21 -17.94
N VAL A 77 24.64 5.21 -18.66
CA VAL A 77 25.40 3.97 -18.78
C VAL A 77 26.38 4.00 -19.95
N ALA A 78 27.64 3.74 -19.64
CA ALA A 78 28.68 3.72 -20.66
C ALA A 78 29.37 2.36 -20.65
N VAL A 79 29.96 2.01 -21.79
CA VAL A 79 30.72 0.78 -21.90
C VAL A 79 32.04 0.92 -21.14
N ALA A 80 32.36 -0.04 -20.28
CA ALA A 80 33.55 0.07 -19.46
C ALA A 80 34.64 -0.84 -20.00
N ALA A 81 34.24 -1.94 -20.63
CA ALA A 81 35.18 -2.87 -21.23
C ALA A 81 34.56 -3.32 -22.54
N PRO A 82 35.39 -3.66 -23.54
CA PRO A 82 34.86 -4.08 -24.84
C PRO A 82 33.88 -5.24 -24.75
N ILE A 83 32.73 -5.11 -25.38
CA ILE A 83 31.71 -6.15 -25.40
C ILE A 83 31.58 -6.72 -26.82
N ALA A 84 31.62 -8.04 -26.94
CA ALA A 84 31.45 -8.66 -28.25
C ALA A 84 29.97 -8.72 -28.61
N ARG A 85 29.67 -8.77 -29.90
CA ARG A 85 28.30 -8.96 -30.37
C ARG A 85 27.77 -10.27 -29.81
N GLY A 86 26.59 -10.22 -29.22
CA GLY A 86 25.98 -11.39 -28.60
C GLY A 86 26.45 -11.51 -27.16
N GLY A 87 27.40 -10.68 -26.77
CA GLY A 87 27.91 -10.70 -25.41
C GLY A 87 26.93 -10.06 -24.47
N LYS A 88 26.82 -10.62 -23.26
CA LYS A 88 25.91 -10.08 -22.26
C LYS A 88 26.48 -8.82 -21.59
N LEU A 89 25.61 -7.86 -21.30
CA LEU A 89 26.00 -6.67 -20.55
C LEU A 89 25.94 -6.94 -19.05
N THR A 90 27.04 -6.73 -18.36
CA THR A 90 27.14 -7.06 -16.94
C THR A 90 27.75 -5.85 -16.21
N PRO A 91 27.68 -5.84 -14.86
CA PRO A 91 28.36 -4.79 -14.09
C PRO A 91 29.87 -4.70 -14.32
N ALA A 92 30.48 -5.78 -14.80
CA ALA A 92 31.91 -5.79 -15.09
C ALA A 92 32.23 -5.25 -16.49
N ASN A 93 31.21 -5.10 -17.32
CA ASN A 93 31.38 -4.68 -18.70
C ASN A 93 30.96 -3.23 -18.91
N VAL A 94 29.98 -2.78 -18.14
CA VAL A 94 29.43 -1.44 -18.32
C VAL A 94 29.50 -0.69 -17.00
N THR A 95 29.43 0.64 -17.07
CA THR A 95 29.50 1.45 -15.86
C THR A 95 28.75 2.76 -16.01
N LEU A 96 28.45 3.38 -14.87
CA LEU A 96 27.80 4.68 -14.86
C LEU A 96 28.87 5.77 -14.94
N LYS A 97 28.68 6.69 -15.88
CA LYS A 97 29.59 7.80 -16.04
C LYS A 97 28.80 9.10 -15.97
N ARG A 98 29.45 10.17 -15.52
CA ARG A 98 28.77 11.45 -15.42
C ARG A 98 29.09 12.34 -16.63
N GLY A 99 28.04 12.89 -17.22
CA GLY A 99 28.19 13.76 -18.37
C GLY A 99 26.92 14.53 -18.69
N ARG A 100 26.98 15.28 -19.79
CA ARG A 100 25.86 16.08 -20.23
C ARG A 100 24.79 15.24 -20.94
N LEU A 101 23.63 15.13 -20.31
CA LEU A 101 22.52 14.34 -20.82
C LEU A 101 22.01 14.89 -22.15
N ASP A 102 22.03 16.22 -22.26
CA ASP A 102 21.55 16.90 -23.46
C ASP A 102 22.41 16.73 -24.69
N GLN A 103 23.64 16.29 -24.47
CA GLN A 103 24.59 16.06 -25.54
C GLN A 103 24.70 14.59 -25.96
N LEU A 104 24.11 13.72 -25.14
CA LEU A 104 24.17 12.28 -25.40
C LEU A 104 23.41 11.88 -26.66
N PRO A 105 23.87 10.80 -27.30
CA PRO A 105 23.17 10.27 -28.48
C PRO A 105 21.76 9.80 -28.11
N PRO A 106 20.85 9.73 -29.10
CA PRO A 106 19.45 9.38 -28.81
C PRO A 106 19.29 8.00 -28.18
N ARG A 107 18.29 7.86 -27.30
CA ARG A 107 17.98 6.60 -26.64
C ARG A 107 19.13 6.01 -25.80
N THR A 108 19.90 6.89 -25.16
CA THR A 108 20.98 6.47 -24.28
C THR A 108 20.48 5.95 -22.92
N VAL A 109 20.96 4.77 -22.54
CA VAL A 109 20.60 4.15 -21.25
C VAL A 109 21.21 4.92 -20.07
N LEU A 110 20.36 5.31 -19.12
CA LEU A 110 20.81 6.10 -17.97
C LEU A 110 20.93 5.25 -16.69
N ASP A 111 20.12 4.19 -16.62
CA ASP A 111 20.04 3.36 -15.41
C ASP A 111 20.52 1.93 -15.67
N ILE A 112 21.40 1.45 -14.82
CA ILE A 112 21.97 0.10 -14.92
C ILE A 112 20.91 -1.01 -14.82
N ARG A 113 19.80 -0.72 -14.16
CA ARG A 113 18.71 -1.68 -13.99
C ARG A 113 18.00 -2.01 -15.30
N GLN A 114 18.15 -1.12 -16.28
CA GLN A 114 17.58 -1.32 -17.62
C GLN A 114 18.29 -2.42 -18.40
N ILE A 115 19.58 -2.64 -18.15
CA ILE A 115 20.31 -3.59 -18.95
C ILE A 115 20.63 -4.92 -18.27
N GLN A 116 19.85 -5.26 -17.24
CA GLN A 116 19.80 -6.64 -16.75
C GLN A 116 19.55 -7.63 -17.87
N ASP A 117 20.42 -8.63 -17.97
CA ASP A 117 20.28 -9.69 -18.96
C ASP A 117 20.13 -9.10 -20.37
N ALA A 118 21.04 -8.21 -20.75
CA ALA A 118 20.99 -7.60 -22.06
C ALA A 118 22.16 -8.06 -22.92
N VAL A 119 21.91 -8.23 -24.21
CA VAL A 119 22.98 -8.60 -25.14
C VAL A 119 23.27 -7.52 -26.18
N SER A 120 24.53 -7.43 -26.60
CA SER A 120 24.95 -6.45 -27.60
C SER A 120 24.47 -6.83 -28.99
N LEU A 121 24.10 -5.81 -29.78
CA LEU A 121 23.69 -6.02 -31.17
C LEU A 121 24.89 -5.85 -32.10
N ARG A 122 25.91 -5.17 -31.60
CA ARG A 122 27.12 -4.90 -32.37
C ARG A 122 28.34 -4.86 -31.44
N ASP A 123 29.51 -4.62 -32.01
CA ASP A 123 30.74 -4.49 -31.23
C ASP A 123 30.78 -3.17 -30.47
N LEU A 124 31.05 -3.22 -29.17
CA LEU A 124 31.09 -2.00 -28.37
C LEU A 124 32.46 -1.76 -27.74
N ALA A 125 32.90 -0.50 -27.78
CA ALA A 125 34.19 -0.11 -27.23
C ALA A 125 34.01 0.68 -25.92
N PRO A 126 34.98 0.58 -25.00
CA PRO A 126 34.91 1.31 -23.72
C PRO A 126 34.70 2.81 -23.88
N GLY A 127 33.90 3.42 -23.02
CA GLY A 127 33.66 4.85 -23.10
C GLY A 127 32.39 5.20 -23.85
N GLN A 128 31.99 4.32 -24.76
CA GLN A 128 30.79 4.51 -25.56
C GLN A 128 29.53 4.47 -24.71
N PRO A 129 28.64 5.47 -24.90
CA PRO A 129 27.36 5.46 -24.19
C PRO A 129 26.51 4.30 -24.68
N VAL A 130 25.84 3.60 -23.76
CA VAL A 130 24.99 2.49 -24.14
C VAL A 130 23.65 2.97 -24.69
N GLN A 131 23.41 2.68 -25.97
CA GLN A 131 22.17 3.10 -26.61
C GLN A 131 21.26 1.91 -26.84
N LEU A 132 19.95 2.16 -26.75
CA LEU A 132 18.96 1.11 -26.94
C LEU A 132 18.94 0.55 -28.36
N THR A 133 19.42 1.35 -29.31
CA THR A 133 19.49 0.91 -30.70
C THR A 133 20.59 -0.11 -30.91
N MET A 134 21.54 -0.15 -29.97
CA MET A 134 22.70 -1.04 -30.10
C MET A 134 22.64 -2.29 -29.23
N ILE A 135 21.55 -2.44 -28.48
CA ILE A 135 21.38 -3.60 -27.60
C ILE A 135 20.02 -4.26 -27.75
N ARG A 136 19.89 -5.45 -27.18
CA ARG A 136 18.60 -6.10 -27.08
C ARG A 136 18.36 -6.39 -25.61
N GLN A 137 17.36 -5.72 -25.04
CA GLN A 137 17.03 -5.90 -23.63
C GLN A 137 16.21 -7.16 -23.46
N ALA A 138 16.38 -7.85 -22.34
CA ALA A 138 15.52 -8.99 -22.05
C ALA A 138 14.16 -8.45 -21.64
N TRP A 139 13.11 -9.21 -21.93
CA TRP A 139 11.77 -8.87 -21.48
C TRP A 139 11.71 -8.99 -19.98
N ARG A 140 11.22 -7.95 -19.31
CA ARG A 140 10.99 -8.03 -17.87
C ARG A 140 9.58 -8.57 -17.65
N VAL A 141 8.70 -8.22 -18.58
CA VAL A 141 7.31 -8.65 -18.52
C VAL A 141 6.96 -9.37 -19.83
N LYS A 142 6.21 -10.47 -19.73
CA LYS A 142 5.85 -11.24 -20.92
C LYS A 142 4.33 -11.23 -21.13
N ALA A 143 3.92 -11.13 -22.39
CA ALA A 143 2.50 -11.12 -22.77
C ALA A 143 1.81 -12.36 -22.20
N GLY A 144 0.64 -12.16 -21.61
CA GLY A 144 -0.09 -13.24 -21.00
C GLY A 144 0.12 -13.37 -19.49
N GLN A 145 1.21 -12.81 -18.98
CA GLN A 145 1.48 -12.87 -17.55
C GLN A 145 0.57 -11.93 -16.76
N ARG A 146 0.23 -12.33 -15.55
CA ARG A 146 -0.50 -11.44 -14.65
C ARG A 146 0.50 -10.49 -14.02
N VAL A 147 0.16 -9.21 -13.98
CA VAL A 147 1.05 -8.19 -13.42
C VAL A 147 0.31 -7.32 -12.42
N GLN A 148 1.07 -6.67 -11.55
CA GLN A 148 0.50 -5.72 -10.61
C GLN A 148 0.64 -4.32 -11.18
N VAL A 149 -0.47 -3.58 -11.18
CA VAL A 149 -0.47 -2.21 -11.66
C VAL A 149 -0.52 -1.26 -10.46
N ILE A 150 0.43 -0.33 -10.40
CA ILE A 150 0.49 0.64 -9.31
C ILE A 150 0.31 2.06 -9.83
N ALA A 151 -0.80 2.68 -9.46
CA ALA A 151 -1.08 4.04 -9.93
C ALA A 151 -0.99 5.05 -8.80
N ASN A 152 -0.11 6.02 -8.95
CA ASN A 152 0.07 7.07 -7.95
C ASN A 152 -0.35 8.46 -8.42
N GLY A 153 -0.88 9.24 -7.49
CA GLY A 153 -1.32 10.60 -7.76
C GLY A 153 -1.16 11.46 -6.53
N GLU A 154 -1.70 12.68 -6.58
CA GLU A 154 -1.63 13.57 -5.42
C GLU A 154 -2.60 13.08 -4.35
N GLY A 155 -2.04 12.59 -3.24
CA GLY A 155 -2.83 12.05 -2.15
C GLY A 155 -3.79 10.96 -2.60
N PHE A 156 -3.32 10.10 -3.49
CA PHE A 156 -4.19 9.14 -4.15
C PHE A 156 -3.37 8.01 -4.78
N SER A 157 -3.57 6.79 -4.31
CA SER A 157 -2.86 5.63 -4.87
C SER A 157 -3.73 4.40 -5.11
N VAL A 158 -3.50 3.73 -6.24
CA VAL A 158 -4.29 2.56 -6.63
C VAL A 158 -3.40 1.36 -6.94
N ASN A 159 -3.77 0.20 -6.39
CA ASN A 159 -3.11 -1.06 -6.69
C ASN A 159 -4.12 -2.03 -7.30
N ALA A 160 -3.83 -2.52 -8.50
CA ALA A 160 -4.77 -3.41 -9.16
C ALA A 160 -4.08 -4.49 -9.99
N GLU A 161 -4.86 -5.48 -10.42
CA GLU A 161 -4.33 -6.61 -11.17
C GLU A 161 -4.77 -6.58 -12.61
N GLY A 162 -3.91 -7.11 -13.49
CA GLY A 162 -4.24 -7.23 -14.89
C GLY A 162 -3.38 -8.26 -15.58
N GLN A 163 -3.59 -8.41 -16.89
CA GLN A 163 -2.77 -9.30 -17.70
C GLN A 163 -2.00 -8.50 -18.74
N ALA A 164 -0.69 -8.70 -18.79
CA ALA A 164 0.16 -8.05 -19.77
C ALA A 164 -0.29 -8.44 -21.18
N MET A 165 -0.40 -7.45 -22.06
CA MET A 165 -0.79 -7.69 -23.44
C MET A 165 0.36 -7.65 -24.42
N ASN A 166 1.52 -7.22 -23.94
CA ASN A 166 2.72 -7.21 -24.77
C ASN A 166 3.99 -7.48 -23.96
N ASN A 167 5.02 -7.93 -24.66
CA ASN A 167 6.32 -8.14 -24.04
C ASN A 167 6.94 -6.78 -23.84
N ALA A 168 7.60 -6.58 -22.70
CA ALA A 168 8.21 -5.28 -22.43
C ALA A 168 9.41 -5.41 -21.52
N ALA A 169 10.45 -4.64 -21.84
CA ALA A 169 11.64 -4.54 -21.02
C ALA A 169 11.41 -3.52 -19.92
N VAL A 170 12.34 -3.47 -18.97
CA VAL A 170 12.37 -2.44 -17.94
C VAL A 170 12.37 -1.04 -18.58
N ALA A 171 11.43 -0.20 -18.13
CA ALA A 171 11.31 1.21 -18.55
C ALA A 171 10.60 1.40 -19.89
N GLN A 172 10.04 0.32 -20.43
CA GLN A 172 9.27 0.40 -21.67
C GLN A 172 7.78 0.43 -21.35
N ASN A 173 6.98 0.86 -22.33
CA ASN A 173 5.54 0.93 -22.13
C ASN A 173 4.90 -0.45 -22.17
N ALA A 174 4.02 -0.70 -21.19
CA ALA A 174 3.30 -1.96 -21.15
C ALA A 174 1.80 -1.71 -21.11
N ARG A 175 1.08 -2.34 -22.03
CA ARG A 175 -0.36 -2.28 -22.07
C ARG A 175 -0.89 -3.44 -21.23
N VAL A 176 -1.86 -3.18 -20.37
CA VAL A 176 -2.34 -4.21 -19.46
C VAL A 176 -3.86 -4.28 -19.55
N ARG A 177 -4.38 -5.49 -19.74
CA ARG A 177 -5.81 -5.69 -19.69
C ARG A 177 -6.24 -5.99 -18.27
N MET A 178 -6.99 -5.06 -17.69
CA MET A 178 -7.44 -5.19 -16.32
C MET A 178 -8.51 -6.28 -16.28
N THR A 179 -8.72 -6.83 -15.08
CA THR A 179 -9.74 -7.85 -14.86
C THR A 179 -11.09 -7.38 -15.38
N SER A 180 -11.39 -6.10 -15.19
CA SER A 180 -12.64 -5.51 -15.66
C SER A 180 -12.78 -5.51 -17.18
N GLY A 181 -11.69 -5.83 -17.89
CA GLY A 181 -11.71 -5.89 -19.33
C GLY A 181 -11.14 -4.64 -19.98
N GLN A 182 -10.85 -3.64 -19.16
CA GLN A 182 -10.31 -2.37 -19.64
C GLN A 182 -8.80 -2.44 -19.87
N ILE A 183 -8.35 -1.68 -20.86
CA ILE A 183 -6.93 -1.54 -21.18
C ILE A 183 -6.32 -0.32 -20.52
N VAL A 184 -5.19 -0.53 -19.83
CA VAL A 184 -4.42 0.58 -19.30
C VAL A 184 -2.99 0.50 -19.79
N SER A 185 -2.22 1.55 -19.57
CA SER A 185 -0.89 1.65 -20.15
C SER A 185 0.02 2.27 -19.11
N GLY A 186 1.21 1.68 -18.96
CA GLY A 186 2.17 2.18 -17.99
C GLY A 186 3.59 1.78 -18.32
N THR A 187 4.49 2.06 -17.39
CA THR A 187 5.91 1.77 -17.59
C THR A 187 6.34 0.60 -16.72
N VAL A 188 7.05 -0.35 -17.31
CA VAL A 188 7.56 -1.49 -16.56
C VAL A 188 8.73 -1.05 -15.68
N ASP A 189 8.63 -1.28 -14.38
CA ASP A 189 9.77 -1.02 -13.51
C ASP A 189 10.64 -2.27 -13.31
N SER A 190 11.78 -2.08 -12.67
CA SER A 190 12.74 -3.15 -12.40
C SER A 190 12.09 -4.39 -11.80
N ASP A 191 11.11 -4.18 -10.92
CA ASP A 191 10.44 -5.27 -10.21
C ASP A 191 9.44 -6.03 -11.08
N GLY A 192 9.23 -5.59 -12.30
CA GLY A 192 8.26 -6.25 -13.17
C GLY A 192 6.84 -5.79 -12.92
N ASN A 193 6.69 -4.76 -12.08
CA ASN A 193 5.39 -4.15 -11.85
C ASN A 193 5.12 -3.01 -12.85
N ILE A 194 3.85 -2.71 -13.07
CA ILE A 194 3.48 -1.66 -14.03
C ILE A 194 3.14 -0.36 -13.32
N LEU A 195 3.88 0.70 -13.63
CA LEU A 195 3.66 1.98 -12.98
C LEU A 195 2.86 2.94 -13.85
N ILE A 196 1.77 3.46 -13.30
CA ILE A 196 0.95 4.45 -13.99
C ILE A 196 0.99 5.77 -13.23
N ASN A 197 1.43 6.82 -13.91
CA ASN A 197 1.49 8.15 -13.30
C ASN A 197 0.27 8.97 -13.70
N LEU A 198 -0.60 9.21 -12.72
CA LEU A 198 -1.84 9.95 -12.96
C LEU A 198 -1.69 11.41 -12.54
N GLN B 1 -29.56 -32.28 3.06
CA GLN B 1 -28.67 -31.80 4.12
C GLN B 1 -27.53 -30.94 3.59
N ASP B 2 -27.28 -31.04 2.29
CA ASP B 2 -26.19 -30.31 1.64
C ASP B 2 -26.35 -28.78 1.68
N ILE B 3 -27.59 -28.32 1.63
CA ILE B 3 -27.89 -26.89 1.69
C ILE B 3 -27.50 -26.28 3.04
N ASN B 4 -27.70 -27.05 4.10
CA ASN B 4 -27.33 -26.61 5.43
C ASN B 4 -25.80 -26.52 5.51
N ALA B 5 -25.14 -27.49 4.89
CA ALA B 5 -23.68 -27.49 4.85
C ALA B 5 -23.19 -26.26 4.09
N GLN B 6 -23.89 -25.91 3.01
CA GLN B 6 -23.55 -24.73 2.22
C GLN B 6 -23.77 -23.45 2.99
N LEU B 7 -24.91 -23.34 3.65
CA LEU B 7 -25.23 -22.17 4.45
C LEU B 7 -24.29 -22.04 5.63
N THR B 8 -24.02 -23.16 6.31
CA THR B 8 -23.07 -23.20 7.41
C THR B 8 -21.72 -22.70 6.93
N THR B 9 -21.31 -23.21 5.77
CA THR B 9 -20.05 -22.80 5.16
C THR B 9 -20.11 -21.34 4.69
N TRP B 10 -21.21 -20.94 4.04
CA TRP B 10 -21.35 -19.54 3.59
C TRP B 10 -21.32 -18.54 4.76
N PHE B 11 -21.96 -18.88 5.88
CA PHE B 11 -21.97 -18.01 7.06
C PHE B 11 -20.72 -17.99 7.97
N SER B 12 -20.06 -19.14 8.13
CA SER B 12 -18.82 -19.24 8.91
C SER B 12 -17.70 -18.32 8.38
N GLN B 13 -17.55 -18.29 7.05
CA GLN B 13 -16.57 -17.48 6.34
C GLN B 13 -16.91 -16.00 6.47
N ARG B 14 -18.19 -15.67 6.35
CA ARG B 14 -18.65 -14.30 6.50
C ARG B 14 -18.49 -13.83 7.94
N LEU B 15 -18.67 -14.77 8.87
CA LEU B 15 -18.57 -14.47 10.29
C LEU B 15 -17.15 -14.69 10.80
N ALA B 16 -16.19 -14.74 9.89
CA ALA B 16 -14.79 -14.89 10.29
C ALA B 16 -14.35 -13.68 11.08
N GLY B 17 -13.66 -13.92 12.19
CA GLY B 17 -13.22 -12.84 13.06
C GLY B 17 -14.19 -12.59 14.21
N PHE B 18 -15.47 -12.89 13.98
CA PHE B 18 -16.49 -12.73 15.00
C PHE B 18 -16.79 -14.04 15.73
N SER B 19 -16.98 -15.11 14.97
CA SER B 19 -17.34 -16.39 15.56
C SER B 19 -16.37 -17.49 15.18
N ASP B 20 -16.22 -18.48 16.07
CA ASP B 20 -15.38 -19.63 15.81
C ASP B 20 -16.24 -20.90 15.75
N GLU B 21 -17.56 -20.71 15.86
CA GLU B 21 -18.49 -21.83 15.83
C GLU B 21 -19.84 -21.40 15.28
N VAL B 22 -20.08 -21.70 14.01
CA VAL B 22 -21.32 -21.28 13.37
C VAL B 22 -22.14 -22.47 12.85
N VAL B 23 -23.43 -22.45 13.15
CA VAL B 23 -24.37 -23.49 12.72
C VAL B 23 -25.62 -22.85 12.10
N VAL B 24 -25.88 -23.17 10.84
CA VAL B 24 -27.01 -22.58 10.11
C VAL B 24 -28.12 -23.56 9.71
N THR B 25 -29.37 -23.15 9.87
CA THR B 25 -30.51 -23.98 9.52
C THR B 25 -31.59 -23.22 8.75
N LEU B 26 -32.00 -23.79 7.61
CA LEU B 26 -33.05 -23.20 6.77
C LEU B 26 -34.44 -23.32 7.40
N ARG B 27 -35.21 -22.23 7.35
CA ARG B 27 -36.55 -22.25 7.92
C ARG B 27 -37.65 -22.32 6.86
N SER B 28 -37.44 -21.65 5.72
CA SER B 28 -38.41 -21.63 4.63
C SER B 28 -38.55 -22.95 3.88
N SER B 29 -39.66 -23.09 3.17
CA SER B 29 -39.98 -24.28 2.39
C SER B 29 -38.95 -24.58 1.30
N PRO B 30 -38.53 -25.85 1.20
CA PRO B 30 -37.56 -26.33 0.20
C PRO B 30 -38.13 -26.34 -1.21
N ASN B 31 -39.44 -26.14 -1.33
CA ASN B 31 -40.08 -26.02 -2.63
C ASN B 31 -39.75 -24.67 -3.24
N LEU B 32 -39.48 -23.71 -2.36
CA LEU B 32 -39.12 -22.37 -2.78
C LEU B 32 -37.65 -22.26 -3.20
N LEU B 33 -36.88 -23.32 -2.99
CA LEU B 33 -35.46 -23.34 -3.37
C LEU B 33 -35.23 -23.18 -4.88
N PRO B 34 -34.15 -22.48 -5.26
CA PRO B 34 -33.80 -22.30 -6.66
C PRO B 34 -33.32 -23.58 -7.37
N SER B 35 -33.42 -23.60 -8.69
CA SER B 35 -33.08 -24.78 -9.48
C SER B 35 -31.61 -25.22 -9.42
N CYS B 36 -30.70 -24.29 -9.18
CA CYS B 36 -29.27 -24.60 -9.21
C CYS B 36 -28.77 -25.52 -8.09
N GLU B 37 -27.69 -26.25 -8.36
CA GLU B 37 -27.11 -27.13 -7.37
C GLU B 37 -26.50 -26.29 -6.25
N GLN B 38 -25.64 -25.35 -6.64
CA GLN B 38 -25.09 -24.38 -5.70
C GLN B 38 -25.52 -22.93 -6.02
N PRO B 39 -26.57 -22.46 -5.33
CA PRO B 39 -27.07 -21.09 -5.47
C PRO B 39 -26.09 -20.07 -4.90
N ALA B 40 -26.07 -18.86 -5.45
CA ALA B 40 -25.19 -17.80 -4.92
C ALA B 40 -25.95 -17.03 -3.85
N PHE B 41 -25.37 -16.96 -2.66
CA PHE B 41 -26.06 -16.32 -1.54
C PHE B 41 -25.64 -14.88 -1.32
N SER B 42 -26.59 -13.96 -1.21
CA SER B 42 -26.21 -12.59 -0.89
C SER B 42 -27.09 -12.04 0.23
N MET B 43 -26.46 -11.35 1.16
CA MET B 43 -27.17 -10.74 2.29
C MET B 43 -27.19 -9.21 2.15
N THR B 44 -27.87 -8.71 1.13
CA THR B 44 -28.06 -7.27 0.96
C THR B 44 -29.36 -6.69 1.54
N GLY B 45 -29.39 -6.44 2.84
CA GLY B 45 -30.64 -6.01 3.47
C GLY B 45 -30.57 -5.32 4.81
N SER B 46 -31.26 -5.89 5.79
CA SER B 46 -31.34 -5.32 7.13
C SER B 46 -30.01 -5.23 7.88
N ALA B 47 -28.96 -5.80 7.30
CA ALA B 47 -27.63 -5.83 7.92
C ALA B 47 -27.60 -6.57 9.26
N LYS B 48 -28.39 -7.64 9.39
CA LYS B 48 -28.32 -8.45 10.59
C LYS B 48 -27.36 -9.60 10.36
N LEU B 49 -26.34 -9.68 11.20
CA LEU B 49 -25.25 -10.63 11.04
C LEU B 49 -25.69 -12.07 11.29
N TRP B 50 -26.49 -12.27 12.35
CA TRP B 50 -26.90 -13.61 12.76
C TRP B 50 -28.37 -13.69 13.15
N GLY B 51 -28.71 -14.74 13.90
CA GLY B 51 -30.06 -14.98 14.34
C GLY B 51 -30.94 -15.56 13.25
N ASN B 52 -32.04 -14.85 12.97
CA ASN B 52 -32.97 -15.25 11.92
C ASN B 52 -32.99 -14.19 10.81
N VAL B 53 -32.42 -14.55 9.66
CA VAL B 53 -32.22 -13.59 8.58
C VAL B 53 -32.80 -14.02 7.24
N ASN B 54 -32.86 -13.08 6.30
CA ASN B 54 -33.31 -13.36 4.95
C ASN B 54 -32.13 -13.42 4.00
N VAL B 55 -31.96 -14.55 3.33
CA VAL B 55 -30.86 -14.72 2.38
C VAL B 55 -31.32 -14.91 0.94
N VAL B 56 -30.75 -14.11 0.05
CA VAL B 56 -31.06 -14.21 -1.38
C VAL B 56 -30.25 -15.34 -2.03
N ALA B 57 -30.94 -16.31 -2.60
CA ALA B 57 -30.29 -17.44 -3.26
C ALA B 57 -30.40 -17.27 -4.77
N ARG B 58 -29.33 -16.78 -5.38
CA ARG B 58 -29.33 -16.51 -6.82
C ARG B 58 -28.98 -17.70 -7.71
N CYS B 59 -29.81 -17.92 -8.73
CA CYS B 59 -29.65 -19.05 -9.64
C CYS B 59 -29.70 -18.64 -11.09
N ALA B 60 -28.73 -17.82 -11.50
CA ALA B 60 -28.68 -17.32 -12.88
C ALA B 60 -30.00 -16.70 -13.34
N ASN B 61 -30.23 -15.45 -12.92
CA ASN B 61 -31.43 -14.72 -13.28
C ASN B 61 -32.72 -15.17 -12.56
N GLU B 62 -32.64 -16.33 -11.89
CA GLU B 62 -33.75 -16.83 -11.07
C GLU B 62 -33.53 -16.41 -9.63
N LYS B 63 -34.45 -15.63 -9.08
CA LYS B 63 -34.26 -15.05 -7.75
C LYS B 63 -35.17 -15.63 -6.66
N ARG B 64 -34.59 -15.86 -5.49
CA ARG B 64 -35.33 -16.38 -4.33
C ARG B 64 -34.85 -15.87 -2.98
N TYR B 65 -35.80 -15.73 -2.05
CA TYR B 65 -35.53 -15.29 -0.69
C TYR B 65 -35.69 -16.42 0.33
N LEU B 66 -34.58 -16.81 0.95
CA LEU B 66 -34.57 -17.91 1.91
C LEU B 66 -34.57 -17.43 3.36
N GLN B 67 -35.49 -17.97 4.16
CA GLN B 67 -35.51 -17.65 5.58
C GLN B 67 -34.66 -18.67 6.31
N VAL B 68 -33.61 -18.18 6.97
CA VAL B 68 -32.65 -19.05 7.65
C VAL B 68 -32.46 -18.68 9.11
N ASN B 69 -31.93 -19.62 9.88
CA ASN B 69 -31.61 -19.38 11.29
C ASN B 69 -30.12 -19.54 11.52
N VAL B 70 -29.46 -18.46 11.92
CA VAL B 70 -28.02 -18.47 12.10
C VAL B 70 -27.60 -18.41 13.56
N GLN B 71 -26.96 -19.48 14.02
CA GLN B 71 -26.41 -19.54 15.36
C GLN B 71 -24.93 -19.26 15.33
N ALA B 72 -24.48 -18.33 16.17
CA ALA B 72 -23.08 -17.96 16.18
C ALA B 72 -22.55 -17.83 17.60
N THR B 73 -21.41 -18.45 17.85
CA THR B 73 -20.77 -18.38 19.16
C THR B 73 -19.38 -17.73 19.06
N GLY B 74 -19.12 -16.74 19.89
CA GLY B 74 -17.84 -16.06 19.87
C GLY B 74 -17.66 -15.13 21.04
N ASN B 75 -16.67 -14.25 20.95
CA ASN B 75 -16.39 -13.31 22.03
C ASN B 75 -17.21 -12.03 21.96
N TYR B 76 -17.45 -11.47 23.14
CA TYR B 76 -18.11 -10.18 23.29
C TYR B 76 -17.61 -9.54 24.57
N VAL B 77 -17.82 -8.23 24.70
CA VAL B 77 -17.39 -7.53 25.90
C VAL B 77 -18.44 -7.56 26.99
N ALA B 78 -18.06 -8.02 28.18
CA ALA B 78 -18.97 -8.08 29.30
C ALA B 78 -18.43 -7.30 30.49
N VAL B 79 -19.33 -6.85 31.37
CA VAL B 79 -18.96 -6.15 32.59
C VAL B 79 -18.34 -7.12 33.59
N ALA B 80 -17.18 -6.75 34.14
CA ALA B 80 -16.44 -7.62 35.05
C ALA B 80 -16.56 -7.15 36.50
N ALA B 81 -16.73 -5.84 36.68
CA ALA B 81 -16.88 -5.25 38.00
C ALA B 81 -17.94 -4.17 37.89
N PRO B 82 -18.66 -3.90 39.00
CA PRO B 82 -19.72 -2.89 38.91
C PRO B 82 -19.22 -1.53 38.40
N ILE B 83 -19.92 -0.98 37.41
CA ILE B 83 -19.57 0.31 36.87
C ILE B 83 -20.64 1.34 37.20
N ALA B 84 -20.22 2.47 37.75
CA ALA B 84 -21.13 3.55 38.09
C ALA B 84 -21.47 4.34 36.84
N ARG B 85 -22.63 5.00 36.85
CA ARG B 85 -23.02 5.91 35.78
C ARG B 85 -21.97 7.00 35.68
N GLY B 86 -21.47 7.26 34.48
CA GLY B 86 -20.42 8.23 34.28
C GLY B 86 -19.05 7.61 34.44
N GLY B 87 -19.02 6.35 34.86
CA GLY B 87 -17.78 5.62 35.08
C GLY B 87 -17.11 5.14 33.79
N LYS B 88 -15.78 5.17 33.78
CA LYS B 88 -15.01 4.74 32.62
C LYS B 88 -14.94 3.23 32.49
N LEU B 89 -14.99 2.74 31.24
CA LEU B 89 -14.81 1.32 30.98
C LEU B 89 -13.31 1.08 30.87
N THR B 90 -12.79 0.17 31.68
CA THR B 90 -11.35 -0.07 31.75
C THR B 90 -11.08 -1.57 31.67
N PRO B 91 -9.81 -1.96 31.46
CA PRO B 91 -9.48 -3.40 31.54
C PRO B 91 -9.83 -4.00 32.89
N ALA B 92 -9.94 -3.16 33.91
CA ALA B 92 -10.31 -3.58 35.25
C ALA B 92 -11.84 -3.65 35.41
N ASN B 93 -12.55 -3.08 34.44
CA ASN B 93 -14.00 -2.97 34.50
C ASN B 93 -14.69 -3.96 33.57
N VAL B 94 -14.06 -4.25 32.44
CA VAL B 94 -14.66 -5.09 31.42
C VAL B 94 -13.76 -6.26 31.03
N THR B 95 -14.37 -7.30 30.47
CA THR B 95 -13.62 -8.47 30.05
C THR B 95 -14.28 -9.15 28.85
N LEU B 96 -13.53 -9.97 28.15
CA LEU B 96 -14.08 -10.74 27.05
C LEU B 96 -14.68 -12.04 27.55
N LYS B 97 -15.94 -12.30 27.17
CA LYS B 97 -16.59 -13.55 27.54
C LYS B 97 -17.12 -14.26 26.29
N ARG B 98 -17.19 -15.59 26.35
CA ARG B 98 -17.68 -16.37 25.23
C ARG B 98 -19.15 -16.75 25.39
N GLY B 99 -19.93 -16.52 24.34
CA GLY B 99 -21.34 -16.85 24.39
C GLY B 99 -22.01 -16.83 23.04
N ARG B 100 -23.32 -17.06 23.02
CA ARG B 100 -24.09 -17.08 21.80
C ARG B 100 -24.38 -15.66 21.31
N LEU B 101 -23.79 -15.28 20.18
CA LEU B 101 -23.93 -13.94 19.64
C LEU B 101 -25.36 -13.59 19.22
N ASP B 102 -26.07 -14.58 18.69
CA ASP B 102 -27.44 -14.38 18.22
C ASP B 102 -28.44 -14.19 19.37
N GLN B 103 -28.02 -14.55 20.57
CA GLN B 103 -28.86 -14.41 21.75
C GLN B 103 -28.54 -13.15 22.55
N LEU B 104 -27.42 -12.52 22.23
CA LEU B 104 -26.97 -11.32 22.93
C LEU B 104 -27.93 -10.15 22.69
N PRO B 105 -28.02 -9.24 23.67
CA PRO B 105 -28.87 -8.06 23.46
C PRO B 105 -28.37 -7.20 22.30
N PRO B 106 -29.24 -6.39 21.69
CA PRO B 106 -28.88 -5.60 20.51
C PRO B 106 -27.73 -4.62 20.76
N ARG B 107 -26.92 -4.39 19.73
CA ARG B 107 -25.78 -3.46 19.81
C ARG B 107 -24.76 -3.81 20.89
N THR B 108 -24.55 -5.10 21.09
CA THR B 108 -23.53 -5.58 22.03
C THR B 108 -22.11 -5.43 21.49
N VAL B 109 -21.24 -4.84 22.30
CA VAL B 109 -19.83 -4.66 21.94
C VAL B 109 -19.08 -5.98 21.89
N LEU B 110 -18.42 -6.25 20.76
CA LEU B 110 -17.71 -7.51 20.57
C LEU B 110 -16.20 -7.38 20.72
N ASP B 111 -15.68 -6.19 20.42
CA ASP B 111 -14.24 -5.95 20.43
C ASP B 111 -13.83 -4.93 21.49
N ILE B 112 -12.82 -5.28 22.29
CA ILE B 112 -12.34 -4.42 23.36
C ILE B 112 -11.81 -3.07 22.86
N ARG B 113 -11.38 -3.04 21.61
CA ARG B 113 -10.84 -1.84 20.97
C ARG B 113 -11.92 -0.78 20.75
N GLN B 114 -13.17 -1.21 20.73
CA GLN B 114 -14.30 -0.29 20.58
C GLN B 114 -14.53 0.59 21.81
N ILE B 115 -14.23 0.06 22.99
CA ILE B 115 -14.52 0.82 24.21
C ILE B 115 -13.28 1.37 24.88
N GLN B 116 -12.19 1.49 24.13
CA GLN B 116 -11.06 2.31 24.56
C GLN B 116 -11.64 3.67 24.94
N ASP B 117 -11.33 4.16 26.14
CA ASP B 117 -11.77 5.49 26.58
C ASP B 117 -13.29 5.68 26.43
N ALA B 118 -14.06 4.75 26.99
CA ALA B 118 -15.51 4.82 26.95
C ALA B 118 -16.08 5.06 28.35
N VAL B 119 -17.15 5.83 28.45
CA VAL B 119 -17.79 6.05 29.75
C VAL B 119 -19.21 5.46 29.82
N SER B 120 -19.59 5.01 31.00
CA SER B 120 -20.91 4.41 31.23
C SER B 120 -22.02 5.46 31.26
N LEU B 121 -23.17 5.09 30.71
CA LEU B 121 -24.35 5.96 30.74
C LEU B 121 -25.21 5.64 31.96
N ARG B 122 -25.03 4.44 32.51
CA ARG B 122 -25.79 4.00 33.68
C ARG B 122 -24.95 3.06 34.55
N ASP B 123 -25.57 2.61 35.64
CA ASP B 123 -24.94 1.64 36.54
C ASP B 123 -24.93 0.27 35.87
N LEU B 124 -23.77 -0.38 35.85
CA LEU B 124 -23.63 -1.70 35.23
C LEU B 124 -23.19 -2.77 36.21
N ALA B 125 -23.78 -3.96 36.11
CA ALA B 125 -23.44 -5.05 37.01
C ALA B 125 -22.60 -6.09 36.28
N PRO B 126 -21.69 -6.77 37.02
CA PRO B 126 -20.83 -7.80 36.43
C PRO B 126 -21.57 -8.90 35.68
N GLY B 127 -21.01 -9.36 34.57
CA GLY B 127 -21.63 -10.43 33.80
C GLY B 127 -22.47 -9.90 32.65
N GLN B 128 -22.96 -8.68 32.84
CA GLN B 128 -23.80 -8.00 31.86
C GLN B 128 -23.02 -7.68 30.57
N PRO B 129 -23.62 -8.00 29.42
CA PRO B 129 -22.98 -7.67 28.14
C PRO B 129 -22.96 -6.15 27.94
N VAL B 130 -21.83 -5.65 27.44
CA VAL B 130 -21.69 -4.22 27.20
C VAL B 130 -22.39 -3.78 25.91
N GLN B 131 -23.40 -2.94 26.07
CA GLN B 131 -24.18 -2.47 24.93
C GLN B 131 -23.86 -1.01 24.61
N LEU B 132 -23.91 -0.66 23.32
CA LEU B 132 -23.62 0.70 22.90
C LEU B 132 -24.66 1.71 23.40
N THR B 133 -25.87 1.22 23.67
CA THR B 133 -26.93 2.07 24.18
C THR B 133 -26.68 2.47 25.63
N MET B 134 -25.81 1.72 26.30
CA MET B 134 -25.53 1.94 27.70
C MET B 134 -24.19 2.63 27.96
N ILE B 135 -23.48 2.95 26.88
CA ILE B 135 -22.19 3.62 26.99
C ILE B 135 -22.07 4.83 26.08
N ARG B 136 -21.04 5.63 26.32
CA ARG B 136 -20.68 6.71 25.41
C ARG B 136 -19.23 6.50 25.00
N GLN B 137 -19.02 6.21 23.72
CA GLN B 137 -17.68 5.96 23.21
C GLN B 137 -16.96 7.28 22.94
N ALA B 138 -15.65 7.31 23.12
CA ALA B 138 -14.90 8.50 22.77
C ALA B 138 -14.79 8.55 21.25
N TRP B 139 -14.74 9.75 20.68
CA TRP B 139 -14.52 9.92 19.26
C TRP B 139 -13.11 9.48 18.91
N ARG B 140 -12.99 8.62 17.91
CA ARG B 140 -11.68 8.25 17.40
C ARG B 140 -11.30 9.25 16.32
N VAL B 141 -12.32 9.73 15.62
CA VAL B 141 -12.15 10.69 14.54
C VAL B 141 -13.02 11.91 14.83
N LYS B 142 -12.48 13.10 14.57
CA LYS B 142 -13.20 14.35 14.81
C LYS B 142 -13.45 15.11 13.52
N ALA B 143 -14.64 15.70 13.40
CA ALA B 143 -15.02 16.49 12.24
C ALA B 143 -13.97 17.57 11.97
N GLY B 144 -13.59 17.71 10.70
CA GLY B 144 -12.56 18.67 10.33
C GLY B 144 -11.17 18.08 10.20
N GLN B 145 -10.92 16.93 10.82
CA GLN B 145 -9.60 16.31 10.73
C GLN B 145 -9.39 15.68 9.36
N ARG B 146 -8.14 15.69 8.91
CA ARG B 146 -7.79 14.97 7.70
C ARG B 146 -7.61 13.51 8.05
N VAL B 147 -8.19 12.63 7.24
CA VAL B 147 -8.11 11.20 7.49
C VAL B 147 -7.67 10.46 6.23
N GLN B 148 -7.14 9.26 6.43
CA GLN B 148 -6.77 8.41 5.31
C GLN B 148 -7.92 7.45 5.03
N VAL B 149 -8.31 7.38 3.77
CA VAL B 149 -9.38 6.48 3.37
C VAL B 149 -8.76 5.29 2.66
N ILE B 150 -9.08 4.09 3.13
CA ILE B 150 -8.55 2.87 2.53
C ILE B 150 -9.67 2.01 1.97
N ALA B 151 -9.70 1.89 0.64
CA ALA B 151 -10.73 1.12 -0.03
C ALA B 151 -10.18 -0.16 -0.63
N ASN B 152 -10.70 -1.29 -0.19
CA ASN B 152 -10.28 -2.59 -0.71
C ASN B 152 -11.36 -3.30 -1.50
N GLY B 153 -10.95 -4.02 -2.53
CA GLY B 153 -11.88 -4.76 -3.38
C GLY B 153 -11.22 -6.01 -3.92
N GLU B 154 -11.88 -6.68 -4.85
CA GLU B 154 -11.32 -7.89 -5.46
C GLU B 154 -10.18 -7.50 -6.39
N GLY B 155 -8.95 -7.86 -6.00
CA GLY B 155 -7.76 -7.51 -6.75
C GLY B 155 -7.67 -6.02 -7.04
N PHE B 156 -8.01 -5.20 -6.04
CA PHE B 156 -8.16 -3.77 -6.26
C PHE B 156 -8.13 -3.01 -4.94
N SER B 157 -7.14 -2.14 -4.75
CA SER B 157 -7.05 -1.34 -3.53
C SER B 157 -6.73 0.14 -3.77
N VAL B 158 -7.40 1.00 -3.01
CA VAL B 158 -7.25 2.46 -3.15
C VAL B 158 -6.91 3.13 -1.83
N ASN B 159 -5.91 4.01 -1.86
CA ASN B 159 -5.56 4.85 -0.72
C ASN B 159 -5.71 6.31 -1.07
N ALA B 160 -6.52 7.05 -0.31
CA ALA B 160 -6.75 8.45 -0.61
C ALA B 160 -6.94 9.32 0.63
N GLU B 161 -6.92 10.63 0.42
CA GLU B 161 -7.01 11.57 1.53
C GLU B 161 -8.34 12.31 1.49
N GLY B 162 -8.84 12.67 2.66
CA GLY B 162 -10.05 13.46 2.75
C GLY B 162 -10.17 14.16 4.09
N GLN B 163 -11.27 14.88 4.26
CA GLN B 163 -11.57 15.53 5.52
C GLN B 163 -12.80 14.93 6.16
N ALA B 164 -12.68 14.52 7.41
CA ALA B 164 -13.80 13.96 8.17
C ALA B 164 -14.91 15.01 8.28
N MET B 165 -16.14 14.59 8.03
CA MET B 165 -17.28 15.50 8.13
C MET B 165 -18.11 15.31 9.40
N ASN B 166 -17.80 14.25 10.14
CA ASN B 166 -18.49 14.03 11.41
C ASN B 166 -17.60 13.36 12.45
N ASN B 167 -17.97 13.53 13.71
CA ASN B 167 -17.29 12.87 14.80
C ASN B 167 -17.72 11.42 14.77
N ALA B 168 -16.79 10.50 14.99
CA ALA B 168 -17.14 9.08 14.96
C ALA B 168 -16.22 8.27 15.86
N ALA B 169 -16.82 7.31 16.55
CA ALA B 169 -16.06 6.36 17.35
C ALA B 169 -15.56 5.22 16.49
N VAL B 170 -14.67 4.41 17.04
CA VAL B 170 -14.21 3.18 16.41
C VAL B 170 -15.42 2.32 16.03
N ALA B 171 -15.46 1.90 14.77
CA ALA B 171 -16.47 0.99 14.22
C ALA B 171 -17.77 1.70 13.85
N GLN B 172 -17.77 3.02 13.91
CA GLN B 172 -18.95 3.79 13.50
C GLN B 172 -18.75 4.32 12.08
N ASN B 173 -19.84 4.70 11.44
CA ASN B 173 -19.78 5.22 10.09
C ASN B 173 -19.20 6.63 10.07
N ALA B 174 -18.27 6.88 9.15
CA ALA B 174 -17.70 8.20 9.00
C ALA B 174 -17.83 8.67 7.55
N ARG B 175 -18.42 9.84 7.39
CA ARG B 175 -18.54 10.47 6.08
C ARG B 175 -17.31 11.33 5.85
N VAL B 176 -16.72 11.22 4.67
CA VAL B 176 -15.48 11.92 4.40
C VAL B 176 -15.59 12.71 3.10
N ARG B 177 -15.24 13.99 3.15
CA ARG B 177 -15.17 14.78 1.95
C ARG B 177 -13.79 14.67 1.35
N MET B 178 -13.73 14.05 0.18
CA MET B 178 -12.48 13.84 -0.52
C MET B 178 -12.01 15.19 -1.05
N THR B 179 -10.72 15.28 -1.33
CA THR B 179 -10.13 16.49 -1.90
C THR B 179 -10.88 16.93 -3.15
N SER B 180 -11.32 15.97 -3.95
CA SER B 180 -12.08 16.25 -5.17
C SER B 180 -13.45 16.88 -4.90
N GLY B 181 -13.88 16.93 -3.64
CA GLY B 181 -15.15 17.54 -3.29
C GLY B 181 -16.26 16.53 -3.10
N GLN B 182 -15.97 15.28 -3.42
CA GLN B 182 -16.93 14.19 -3.31
C GLN B 182 -17.04 13.65 -1.89
N ILE B 183 -18.24 13.20 -1.53
CA ILE B 183 -18.51 12.58 -0.24
C ILE B 183 -18.42 11.07 -0.33
N VAL B 184 -17.64 10.47 0.56
CA VAL B 184 -17.62 9.02 0.67
C VAL B 184 -17.93 8.62 2.11
N SER B 185 -18.16 7.34 2.32
CA SER B 185 -18.65 6.87 3.61
C SER B 185 -17.97 5.55 3.94
N GLY B 186 -17.51 5.43 5.18
CA GLY B 186 -16.84 4.22 5.59
C GLY B 186 -16.88 4.00 7.08
N THR B 187 -16.13 3.00 7.54
CA THR B 187 -16.12 2.64 8.95
C THR B 187 -14.78 3.04 9.58
N VAL B 188 -14.84 3.70 10.73
CA VAL B 188 -13.63 4.07 11.44
C VAL B 188 -12.99 2.85 12.09
N ASP B 189 -11.73 2.58 11.76
CA ASP B 189 -11.01 1.52 12.46
C ASP B 189 -10.23 2.03 13.66
N SER B 190 -9.68 1.10 14.45
CA SER B 190 -8.90 1.42 15.65
C SER B 190 -7.83 2.48 15.39
N ASP B 191 -7.20 2.42 14.24
CA ASP B 191 -6.11 3.33 13.88
C ASP B 191 -6.59 4.73 13.52
N GLY B 192 -7.91 4.91 13.47
CA GLY B 192 -8.44 6.21 13.09
C GLY B 192 -8.48 6.38 11.57
N ASN B 193 -8.20 5.31 10.85
CA ASN B 193 -8.35 5.33 9.40
C ASN B 193 -9.75 4.93 8.97
N ILE B 194 -10.16 5.37 7.79
CA ILE B 194 -11.50 5.08 7.28
C ILE B 194 -11.47 3.93 6.29
N LEU B 195 -12.20 2.86 6.61
CA LEU B 195 -12.23 1.68 5.75
C LEU B 195 -13.49 1.62 4.89
N ILE B 196 -13.29 1.49 3.58
CA ILE B 196 -14.40 1.34 2.64
C ILE B 196 -14.33 -0.03 1.98
N ASN B 197 -15.39 -0.81 2.14
CA ASN B 197 -15.45 -2.13 1.52
C ASN B 197 -16.26 -2.09 0.22
N LEU B 198 -15.56 -2.26 -0.90
CA LEU B 198 -16.18 -2.21 -2.21
C LEU B 198 -16.46 -3.61 -2.74
N GLN C 1 -21.00 -32.61 19.94
CA GLN C 1 -21.04 -32.13 18.57
C GLN C 1 -20.37 -30.78 18.40
N ASP C 2 -20.16 -30.08 19.51
CA ASP C 2 -19.56 -28.74 19.45
C ASP C 2 -18.13 -28.74 18.93
N ILE C 3 -17.37 -29.80 19.21
CA ILE C 3 -16.00 -29.89 18.71
C ILE C 3 -15.94 -29.99 17.19
N ASN C 4 -16.88 -30.72 16.60
CA ASN C 4 -16.97 -30.83 15.15
C ASN C 4 -17.39 -29.52 14.52
N ALA C 5 -18.31 -28.83 15.18
CA ALA C 5 -18.80 -27.53 14.73
C ALA C 5 -17.68 -26.50 14.73
N GLN C 6 -16.84 -26.55 15.76
CA GLN C 6 -15.70 -25.65 15.88
C GLN C 6 -14.70 -25.92 14.77
N LEU C 7 -14.41 -27.19 14.54
CA LEU C 7 -13.47 -27.57 13.49
C LEU C 7 -14.03 -27.23 12.11
N THR C 8 -15.31 -27.51 11.91
CA THR C 8 -15.99 -27.18 10.66
C THR C 8 -15.90 -25.68 10.35
N THR C 9 -16.18 -24.86 11.36
CA THR C 9 -16.10 -23.41 11.21
C THR C 9 -14.65 -22.93 11.02
N TRP C 10 -13.74 -23.47 11.81
CA TRP C 10 -12.33 -23.13 11.71
C TRP C 10 -11.80 -23.48 10.32
N PHE C 11 -12.24 -24.62 9.81
CA PHE C 11 -11.86 -25.09 8.49
C PHE C 11 -12.60 -24.43 7.33
N SER C 12 -13.88 -24.12 7.53
CA SER C 12 -14.64 -23.41 6.50
C SER C 12 -13.94 -22.09 6.20
N GLN C 13 -13.53 -21.40 7.25
CA GLN C 13 -12.83 -20.12 7.17
C GLN C 13 -11.41 -20.16 6.56
N ARG C 14 -10.61 -21.16 6.94
CA ARG C 14 -9.25 -21.29 6.38
C ARG C 14 -9.33 -21.66 4.90
N LEU C 15 -10.35 -22.43 4.53
CA LEU C 15 -10.53 -22.88 3.16
C LEU C 15 -11.38 -21.93 2.32
N ALA C 16 -11.52 -20.71 2.80
CA ALA C 16 -12.27 -19.70 2.08
C ALA C 16 -11.55 -19.41 0.77
N GLY C 17 -12.29 -19.37 -0.33
CA GLY C 17 -11.68 -19.16 -1.63
C GLY C 17 -11.45 -20.46 -2.37
N PHE C 18 -11.25 -21.55 -1.62
CA PHE C 18 -11.06 -22.86 -2.24
C PHE C 18 -12.38 -23.63 -2.26
N SER C 19 -13.05 -23.65 -1.12
CA SER C 19 -14.29 -24.41 -0.97
C SER C 19 -15.47 -23.56 -0.51
N ASP C 20 -16.66 -23.98 -0.93
CA ASP C 20 -17.91 -23.35 -0.54
C ASP C 20 -18.72 -24.33 0.30
N GLU C 21 -18.12 -25.48 0.58
CA GLU C 21 -18.76 -26.54 1.36
C GLU C 21 -17.73 -27.38 2.12
N VAL C 22 -17.56 -27.10 3.41
CA VAL C 22 -16.57 -27.80 4.20
C VAL C 22 -17.18 -28.56 5.40
N VAL C 23 -16.77 -29.82 5.59
CA VAL C 23 -17.26 -30.62 6.71
C VAL C 23 -16.13 -31.33 7.45
N VAL C 24 -15.96 -31.03 8.73
CA VAL C 24 -14.88 -31.62 9.52
C VAL C 24 -15.36 -32.52 10.65
N THR C 25 -14.71 -33.67 10.81
CA THR C 25 -15.03 -34.63 11.86
C THR C 25 -13.73 -35.11 12.48
N LEU C 26 -13.66 -35.06 13.81
CA LEU C 26 -12.48 -35.50 14.55
C LEU C 26 -12.29 -37.00 14.50
N ARG C 27 -11.05 -37.42 14.27
CA ARG C 27 -10.69 -38.84 14.18
C ARG C 27 -10.00 -39.35 15.44
N SER C 28 -9.16 -38.52 16.05
CA SER C 28 -8.45 -38.93 17.25
C SER C 28 -9.37 -39.04 18.45
N SER C 29 -8.91 -39.75 19.47
CA SER C 29 -9.69 -39.98 20.69
C SER C 29 -10.05 -38.68 21.40
N PRO C 30 -11.32 -38.55 21.81
CA PRO C 30 -11.79 -37.36 22.51
C PRO C 30 -11.22 -37.24 23.93
N ASN C 31 -10.57 -38.30 24.39
CA ASN C 31 -9.89 -38.27 25.68
C ASN C 31 -8.60 -37.48 25.57
N LEU C 32 -8.04 -37.44 24.37
CA LEU C 32 -6.80 -36.70 24.10
C LEU C 32 -7.03 -35.20 23.92
N LEU C 33 -8.30 -34.78 23.88
CA LEU C 33 -8.63 -33.37 23.72
C LEU C 33 -8.13 -32.53 24.89
N PRO C 34 -7.70 -31.29 24.61
CA PRO C 34 -7.24 -30.40 25.68
C PRO C 34 -8.36 -29.97 26.61
N SER C 35 -8.02 -29.54 27.81
CA SER C 35 -9.01 -29.18 28.83
C SER C 35 -9.92 -28.00 28.50
N CYS C 36 -9.44 -27.08 27.66
CA CYS C 36 -10.19 -25.86 27.35
C CYS C 36 -11.48 -26.08 26.55
N GLU C 37 -12.45 -25.18 26.71
CA GLU C 37 -13.71 -25.25 25.98
C GLU C 37 -13.50 -25.00 24.49
N GLN C 38 -12.86 -23.89 24.14
CA GLN C 38 -12.48 -23.64 22.76
C GLN C 38 -10.96 -23.61 22.62
N PRO C 39 -10.38 -24.74 22.21
CA PRO C 39 -8.93 -24.82 21.99
C PRO C 39 -8.54 -23.97 20.79
N ALA C 40 -7.33 -23.45 20.79
CA ALA C 40 -6.85 -22.68 19.67
C ALA C 40 -6.18 -23.63 18.68
N PHE C 41 -6.65 -23.60 17.44
CA PHE C 41 -6.18 -24.54 16.43
C PHE C 41 -5.11 -23.92 15.57
N SER C 42 -3.99 -24.62 15.40
CA SER C 42 -2.95 -24.10 14.52
C SER C 42 -2.45 -25.16 13.55
N MET C 43 -2.25 -24.73 12.31
CA MET C 43 -1.76 -25.57 11.20
C MET C 43 -0.32 -25.27 10.73
N THR C 44 0.63 -25.54 11.61
CA THR C 44 2.09 -25.48 11.40
C THR C 44 2.34 -26.91 11.00
N GLY C 45 2.14 -27.16 9.70
CA GLY C 45 2.14 -28.49 9.14
C GLY C 45 2.38 -28.63 7.65
N SER C 46 2.05 -29.80 7.11
CA SER C 46 2.31 -30.11 5.70
C SER C 46 1.67 -29.18 4.68
N ALA C 47 0.85 -28.24 5.12
CA ALA C 47 0.15 -27.34 4.22
C ALA C 47 -0.78 -28.10 3.30
N LYS C 48 -1.37 -29.13 3.89
CA LYS C 48 -2.39 -29.91 3.24
C LYS C 48 -3.71 -29.30 3.67
N LEU C 49 -4.48 -28.86 2.69
CA LEU C 49 -5.73 -28.14 2.92
C LEU C 49 -6.86 -29.00 3.52
N TRP C 50 -7.01 -30.22 2.99
CA TRP C 50 -8.12 -31.11 3.37
C TRP C 50 -7.68 -32.57 3.56
N GLY C 51 -8.63 -33.50 3.53
CA GLY C 51 -8.36 -34.91 3.71
C GLY C 51 -8.14 -35.34 5.16
N ASN C 52 -6.99 -35.94 5.44
CA ASN C 52 -6.68 -36.36 6.81
C ASN C 52 -5.47 -35.66 7.40
N VAL C 53 -5.71 -34.75 8.34
CA VAL C 53 -4.61 -33.93 8.85
C VAL C 53 -4.42 -33.91 10.35
N ASN C 54 -3.27 -33.37 10.73
CA ASN C 54 -2.93 -33.19 12.13
C ASN C 54 -3.05 -31.72 12.50
N VAL C 55 -3.89 -31.43 13.48
CA VAL C 55 -4.08 -30.06 13.93
C VAL C 55 -3.59 -29.89 15.36
N VAL C 56 -2.76 -28.88 15.57
CA VAL C 56 -2.26 -28.58 16.89
C VAL C 56 -3.28 -27.77 17.67
N ALA C 57 -3.72 -28.31 18.80
CA ALA C 57 -4.69 -27.62 19.62
C ALA C 57 -3.96 -27.05 20.83
N ARG C 58 -3.64 -25.77 20.75
CA ARG C 58 -2.89 -25.11 21.81
C ARG C 58 -3.80 -24.57 22.91
N CYS C 59 -3.45 -24.86 24.16
CA CYS C 59 -4.29 -24.46 25.29
C CYS C 59 -3.43 -23.77 26.33
N ALA C 60 -2.87 -22.62 25.95
CA ALA C 60 -1.98 -21.85 26.80
C ALA C 60 -0.85 -22.69 27.36
N ASN C 61 0.16 -22.91 26.53
CA ASN C 61 1.35 -23.70 26.87
C ASN C 61 1.11 -25.23 26.95
N GLU C 62 -0.15 -25.64 26.95
CA GLU C 62 -0.48 -27.06 26.91
C GLU C 62 -0.70 -27.47 25.46
N LYS C 63 0.11 -28.40 24.97
CA LYS C 63 0.08 -28.76 23.56
C LYS C 63 -0.49 -30.15 23.29
N ARG C 64 -1.31 -30.23 22.24
CA ARG C 64 -1.93 -31.48 21.82
C ARG C 64 -2.09 -31.60 20.31
N TYR C 65 -1.96 -32.83 19.81
CA TYR C 65 -2.13 -33.11 18.39
C TYR C 65 -3.41 -33.88 18.06
N LEU C 66 -4.32 -33.21 17.35
CA LEU C 66 -5.60 -33.82 17.01
C LEU C 66 -5.58 -34.31 15.56
N GLN C 67 -5.96 -35.56 15.36
CA GLN C 67 -6.08 -36.11 14.01
C GLN C 67 -7.49 -35.89 13.47
N VAL C 68 -7.60 -35.16 12.38
CA VAL C 68 -8.91 -34.84 11.84
C VAL C 68 -9.10 -35.20 10.36
N ASN C 69 -10.36 -35.30 9.98
CA ASN C 69 -10.77 -35.58 8.60
C ASN C 69 -11.60 -34.44 7.99
N VAL C 70 -11.06 -33.81 6.96
CA VAL C 70 -11.71 -32.65 6.33
C VAL C 70 -12.27 -32.90 4.94
N GLN C 71 -13.59 -32.80 4.79
CA GLN C 71 -14.22 -32.94 3.48
C GLN C 71 -14.50 -31.55 2.91
N ALA C 72 -14.06 -31.34 1.67
CA ALA C 72 -14.19 -30.04 1.00
C ALA C 72 -14.64 -30.15 -0.46
N THR C 73 -15.61 -29.33 -0.83
CA THR C 73 -16.10 -29.29 -2.21
C THR C 73 -15.87 -27.91 -2.86
N GLY C 74 -15.27 -27.90 -4.04
CA GLY C 74 -14.98 -26.66 -4.75
C GLY C 74 -14.48 -26.86 -6.16
N ASN C 75 -13.94 -25.81 -6.76
CA ASN C 75 -13.43 -25.85 -8.13
C ASN C 75 -11.99 -26.36 -8.27
N TYR C 76 -11.71 -26.97 -9.42
CA TYR C 76 -10.38 -27.42 -9.79
C TYR C 76 -10.26 -27.38 -11.30
N VAL C 77 -9.03 -27.43 -11.81
CA VAL C 77 -8.83 -27.41 -13.26
C VAL C 77 -8.85 -28.82 -13.86
N ALA C 78 -9.71 -29.03 -14.85
CA ALA C 78 -9.80 -30.31 -15.53
C ALA C 78 -9.57 -30.13 -17.02
N VAL C 79 -9.15 -31.22 -17.68
CA VAL C 79 -8.95 -31.21 -19.12
C VAL C 79 -10.30 -31.20 -19.87
N ALA C 80 -10.43 -30.28 -20.82
CA ALA C 80 -11.69 -30.10 -21.55
C ALA C 80 -11.62 -30.66 -22.98
N ALA C 81 -10.42 -30.65 -23.54
CA ALA C 81 -10.16 -31.16 -24.88
C ALA C 81 -8.83 -31.89 -24.85
N PRO C 82 -8.65 -32.90 -25.72
CA PRO C 82 -7.40 -33.66 -25.70
C PRO C 82 -6.17 -32.78 -25.86
N ILE C 83 -5.19 -32.97 -24.98
CA ILE C 83 -3.96 -32.21 -25.03
C ILE C 83 -2.77 -33.09 -25.42
N ALA C 84 -2.00 -32.63 -26.40
CA ALA C 84 -0.82 -33.37 -26.84
C ALA C 84 0.36 -33.12 -25.90
N ARG C 85 1.28 -34.07 -25.86
CA ARG C 85 2.52 -33.91 -25.11
C ARG C 85 3.26 -32.69 -25.64
N GLY C 86 3.69 -31.81 -24.74
CA GLY C 86 4.36 -30.60 -25.16
C GLY C 86 3.38 -29.48 -25.46
N GLY C 87 2.10 -29.81 -25.46
CA GLY C 87 1.06 -28.84 -25.75
C GLY C 87 0.78 -27.89 -24.60
N LYS C 88 0.49 -26.63 -24.95
CA LYS C 88 0.18 -25.61 -23.97
C LYS C 88 -1.24 -25.76 -23.44
N LEU C 89 -1.43 -25.47 -22.16
CA LEU C 89 -2.76 -25.47 -21.57
C LEU C 89 -3.40 -24.11 -21.83
N THR C 90 -4.58 -24.14 -22.46
CA THR C 90 -5.26 -22.94 -22.92
C THR C 90 -6.73 -22.94 -22.49
N PRO C 91 -7.44 -21.80 -22.62
CA PRO C 91 -8.88 -21.79 -22.37
C PRO C 91 -9.64 -22.77 -23.26
N ALA C 92 -9.04 -23.16 -24.38
CA ALA C 92 -9.64 -24.13 -25.29
C ALA C 92 -9.29 -25.55 -24.84
N ASN C 93 -8.33 -25.67 -23.93
CA ASN C 93 -7.85 -26.98 -23.50
C ASN C 93 -8.31 -27.39 -22.11
N VAL C 94 -8.45 -26.42 -21.23
CA VAL C 94 -8.80 -26.69 -19.84
C VAL C 94 -10.01 -25.88 -19.39
N THR C 95 -10.65 -26.34 -18.32
CA THR C 95 -11.83 -25.66 -17.79
C THR C 95 -11.94 -25.88 -16.28
N LEU C 96 -12.71 -25.03 -15.61
CA LEU C 96 -12.95 -25.21 -14.19
C LEU C 96 -14.13 -26.15 -13.97
N LYS C 97 -13.93 -27.16 -13.13
CA LYS C 97 -15.00 -28.10 -12.78
C LYS C 97 -15.15 -28.17 -11.26
N ARG C 98 -16.37 -28.47 -10.81
CA ARG C 98 -16.65 -28.58 -9.38
C ARG C 98 -16.63 -30.03 -8.91
N GLY C 99 -15.92 -30.30 -7.82
CA GLY C 99 -15.82 -31.65 -7.28
C GLY C 99 -15.22 -31.70 -5.88
N ARG C 100 -15.05 -32.92 -5.37
CA ARG C 100 -14.49 -33.10 -4.02
C ARG C 100 -12.98 -32.94 -3.98
N LEU C 101 -12.52 -31.89 -3.31
CA LEU C 101 -11.11 -31.58 -3.21
C LEU C 101 -10.32 -32.65 -2.46
N ASP C 102 -10.93 -33.22 -1.42
CA ASP C 102 -10.26 -34.25 -0.62
C ASP C 102 -10.12 -35.57 -1.37
N GLN C 103 -10.88 -35.73 -2.46
CA GLN C 103 -10.84 -36.93 -3.26
C GLN C 103 -9.96 -36.78 -4.50
N LEU C 104 -9.60 -35.54 -4.81
CA LEU C 104 -8.80 -35.25 -5.99
C LEU C 104 -7.42 -35.87 -5.86
N PRO C 105 -6.79 -36.22 -6.99
CA PRO C 105 -5.42 -36.75 -6.96
C PRO C 105 -4.44 -35.72 -6.42
N PRO C 106 -3.29 -36.16 -5.89
CA PRO C 106 -2.34 -35.24 -5.26
C PRO C 106 -1.81 -34.17 -6.22
N ARG C 107 -1.55 -32.99 -5.67
CA ARG C 107 -1.01 -31.87 -6.44
C ARG C 107 -1.89 -31.45 -7.61
N THR C 108 -3.20 -31.54 -7.42
CA THR C 108 -4.16 -31.11 -8.44
C THR C 108 -4.26 -29.58 -8.47
N VAL C 109 -4.16 -29.00 -9.68
CA VAL C 109 -4.28 -27.56 -9.81
C VAL C 109 -5.70 -27.06 -9.56
N LEU C 110 -5.83 -26.11 -8.63
CA LEU C 110 -7.12 -25.57 -8.24
C LEU C 110 -7.38 -24.19 -8.84
N ASP C 111 -6.30 -23.46 -9.09
CA ASP C 111 -6.40 -22.09 -9.55
C ASP C 111 -5.81 -21.92 -10.95
N ILE C 112 -6.58 -21.30 -11.82
CA ILE C 112 -6.17 -21.06 -13.20
C ILE C 112 -4.92 -20.19 -13.30
N ARG C 113 -4.67 -19.38 -12.28
CA ARG C 113 -3.50 -18.52 -12.25
C ARG C 113 -2.19 -19.30 -12.15
N GLN C 114 -2.26 -20.52 -11.63
CA GLN C 114 -1.09 -21.38 -11.56
C GLN C 114 -0.67 -21.87 -12.93
N ILE C 115 -1.62 -22.01 -13.85
CA ILE C 115 -1.25 -22.58 -15.13
C ILE C 115 -1.17 -21.62 -16.31
N GLN C 116 -1.01 -20.33 -16.04
CA GLN C 116 -0.54 -19.44 -17.10
C GLN C 116 0.72 -20.01 -17.72
N ASP C 117 0.72 -20.13 -19.04
CA ASP C 117 1.89 -20.60 -19.76
C ASP C 117 2.47 -21.92 -19.26
N ALA C 118 1.63 -22.95 -19.17
CA ALA C 118 2.09 -24.27 -18.77
C ALA C 118 2.00 -25.22 -19.95
N VAL C 119 2.95 -26.14 -20.07
CA VAL C 119 2.91 -27.14 -21.13
C VAL C 119 2.74 -28.56 -20.59
N SER C 120 2.06 -29.40 -21.37
CA SER C 120 1.82 -30.78 -20.97
C SER C 120 3.08 -31.63 -21.09
N LEU C 121 3.23 -32.56 -20.15
CA LEU C 121 4.34 -33.50 -20.16
C LEU C 121 3.94 -34.77 -20.91
N ARG C 122 2.63 -34.99 -21.02
CA ARG C 122 2.12 -36.17 -21.70
C ARG C 122 0.79 -35.87 -22.38
N ASP C 123 0.23 -36.87 -23.05
CA ASP C 123 -1.09 -36.73 -23.66
C ASP C 123 -2.16 -36.78 -22.58
N LEU C 124 -3.07 -35.81 -22.60
CA LEU C 124 -4.13 -35.75 -21.60
C LEU C 124 -5.51 -35.84 -22.24
N ALA C 125 -6.38 -36.61 -21.61
CA ALA C 125 -7.74 -36.82 -22.10
C ALA C 125 -8.73 -36.02 -21.25
N PRO C 126 -9.84 -35.58 -21.87
CA PRO C 126 -10.89 -34.79 -21.18
C PRO C 126 -11.43 -35.45 -19.91
N GLY C 127 -11.71 -34.63 -18.90
CA GLY C 127 -12.24 -35.09 -17.64
C GLY C 127 -11.17 -35.29 -16.59
N GLN C 128 -9.95 -35.56 -17.05
CA GLN C 128 -8.80 -35.78 -16.18
C GLN C 128 -8.42 -34.49 -15.44
N PRO C 129 -8.22 -34.58 -14.11
CA PRO C 129 -7.78 -33.44 -13.32
C PRO C 129 -6.35 -33.03 -13.67
N VAL C 130 -6.09 -31.73 -13.77
CA VAL C 130 -4.75 -31.25 -14.08
C VAL C 130 -3.83 -31.29 -12.86
N GLN C 131 -2.80 -32.13 -12.95
CA GLN C 131 -1.84 -32.30 -11.87
C GLN C 131 -0.49 -31.66 -12.22
N LEU C 132 0.20 -31.14 -11.21
CA LEU C 132 1.49 -30.50 -11.40
C LEU C 132 2.57 -31.48 -11.86
N THR C 133 2.36 -32.76 -11.57
CA THR C 133 3.28 -33.81 -11.98
C THR C 133 3.19 -34.06 -13.49
N MET C 134 2.09 -33.61 -14.09
CA MET C 134 1.84 -33.85 -15.51
C MET C 134 2.08 -32.63 -16.39
N ILE C 135 2.52 -31.52 -15.79
CA ILE C 135 2.78 -30.30 -16.58
C ILE C 135 4.15 -29.72 -16.26
N ARG C 136 4.58 -28.78 -17.10
CA ARG C 136 5.77 -28.00 -16.83
C ARG C 136 5.41 -26.52 -16.88
N GLN C 137 5.50 -25.85 -15.74
CA GLN C 137 5.16 -24.44 -15.65
C GLN C 137 6.32 -23.59 -16.16
N ALA C 138 6.00 -22.47 -16.78
CA ALA C 138 7.00 -21.50 -17.20
C ALA C 138 7.54 -20.77 -15.97
N TRP C 139 8.80 -20.34 -16.02
CA TRP C 139 9.34 -19.55 -14.91
C TRP C 139 8.60 -18.22 -14.89
N ARG C 140 8.09 -17.84 -13.72
CA ARG C 140 7.47 -16.54 -13.55
C ARG C 140 8.56 -15.53 -13.14
N VAL C 141 9.55 -16.03 -12.41
CA VAL C 141 10.66 -15.20 -11.96
C VAL C 141 11.97 -15.82 -12.43
N LYS C 142 12.89 -14.98 -12.90
CA LYS C 142 14.19 -15.45 -13.39
C LYS C 142 15.33 -14.93 -12.52
N ALA C 143 16.32 -15.79 -12.29
CA ALA C 143 17.50 -15.45 -11.51
C ALA C 143 18.15 -14.20 -12.09
N GLY C 144 18.52 -13.27 -11.23
CA GLY C 144 19.10 -12.02 -11.67
C GLY C 144 18.12 -10.87 -11.76
N GLN C 145 16.83 -11.19 -11.85
CA GLN C 145 15.82 -10.14 -11.94
C GLN C 145 15.62 -9.47 -10.58
N ARG C 146 15.30 -8.18 -10.59
CA ARG C 146 14.93 -7.48 -9.37
C ARG C 146 13.47 -7.80 -9.10
N VAL C 147 13.16 -8.13 -7.85
CA VAL C 147 11.79 -8.47 -7.49
C VAL C 147 11.33 -7.69 -6.27
N GLN C 148 10.02 -7.60 -6.12
CA GLN C 148 9.45 -6.97 -4.93
C GLN C 148 9.11 -8.07 -3.94
N VAL C 149 9.57 -7.90 -2.71
CA VAL C 149 9.30 -8.87 -1.66
C VAL C 149 8.24 -8.34 -0.71
N ILE C 150 7.19 -9.12 -0.51
CA ILE C 150 6.11 -8.72 0.38
C ILE C 150 6.00 -9.65 1.57
N ALA C 151 6.29 -9.13 2.75
CA ALA C 151 6.29 -9.90 3.98
C ALA C 151 5.13 -9.47 4.89
N ASN C 152 4.26 -10.43 5.21
CA ASN C 152 3.12 -10.17 6.08
C ASN C 152 3.16 -10.84 7.45
N GLY C 153 2.64 -10.14 8.45
CA GLY C 153 2.59 -10.66 9.80
C GLY C 153 1.38 -10.08 10.51
N GLU C 154 1.29 -10.32 11.82
CA GLU C 154 0.19 -9.78 12.60
C GLU C 154 0.34 -8.28 12.82
N GLY C 155 -0.53 -7.49 12.19
CA GLY C 155 -0.45 -6.04 12.28
C GLY C 155 0.92 -5.54 11.89
N PHE C 156 1.47 -6.13 10.84
CA PHE C 156 2.85 -5.90 10.46
C PHE C 156 3.08 -6.35 9.02
N SER C 157 3.42 -5.41 8.15
CA SER C 157 3.70 -5.70 6.74
C SER C 157 4.94 -5.00 6.20
N VAL C 158 5.72 -5.72 5.40
CA VAL C 158 6.95 -5.19 4.84
C VAL C 158 7.01 -5.30 3.32
N ASN C 159 7.39 -4.20 2.66
CA ASN C 159 7.62 -4.20 1.24
C ASN C 159 9.08 -3.84 1.00
N ALA C 160 9.80 -4.71 0.31
CA ALA C 160 11.22 -4.48 0.08
C ALA C 160 11.69 -5.01 -1.27
N GLU C 161 12.90 -4.62 -1.65
CA GLU C 161 13.47 -4.98 -2.93
C GLU C 161 14.59 -5.99 -2.76
N GLY C 162 14.77 -6.84 -3.75
CA GLY C 162 15.87 -7.79 -3.75
C GLY C 162 16.15 -8.30 -5.14
N GLN C 163 17.13 -9.20 -5.25
CA GLN C 163 17.43 -9.85 -6.51
C GLN C 163 17.14 -11.34 -6.42
N ALA C 164 16.37 -11.83 -7.37
CA ALA C 164 16.04 -13.26 -7.44
C ALA C 164 17.32 -14.06 -7.61
N MET C 165 17.46 -15.14 -6.84
CA MET C 165 18.64 -15.99 -6.97
C MET C 165 18.38 -17.30 -7.71
N ASN C 166 17.11 -17.59 -7.99
CA ASN C 166 16.79 -18.79 -8.79
C ASN C 166 15.55 -18.61 -9.66
N ASN C 167 15.46 -19.43 -10.70
CA ASN C 167 14.29 -19.43 -11.55
C ASN C 167 13.17 -20.12 -10.79
N ALA C 168 11.96 -19.59 -10.88
CA ALA C 168 10.83 -20.17 -10.17
C ALA C 168 9.50 -19.91 -10.87
N ALA C 169 8.63 -20.92 -10.87
CA ALA C 169 7.28 -20.79 -11.41
C ALA C 169 6.38 -20.20 -10.33
N VAL C 170 5.17 -19.81 -10.72
CA VAL C 170 4.15 -19.38 -9.77
C VAL C 170 3.90 -20.45 -8.71
N ALA C 171 3.97 -20.02 -7.44
CA ALA C 171 3.69 -20.86 -6.27
C ALA C 171 4.89 -21.73 -5.89
N GLN C 172 6.03 -21.48 -6.53
CA GLN C 172 7.26 -22.19 -6.22
C GLN C 172 8.13 -21.33 -5.32
N ASN C 173 9.10 -21.96 -4.65
CA ASN C 173 9.99 -21.22 -3.75
C ASN C 173 11.00 -20.39 -4.53
N ALA C 174 11.17 -19.14 -4.12
CA ALA C 174 12.15 -18.27 -4.74
C ALA C 174 13.09 -17.73 -3.67
N ARG C 175 14.39 -17.89 -3.89
CA ARG C 175 15.39 -17.36 -2.98
C ARG C 175 15.76 -15.96 -3.46
N VAL C 176 15.81 -15.02 -2.52
CA VAL C 176 16.05 -13.62 -2.86
C VAL C 176 17.15 -12.98 -2.03
N ARG C 177 18.09 -12.31 -2.69
CA ARG C 177 19.09 -11.53 -1.98
C ARG C 177 18.55 -10.12 -1.77
N MET C 178 18.28 -9.76 -0.52
CA MET C 178 17.73 -8.45 -0.21
C MET C 178 18.82 -7.40 -0.39
N THR C 179 18.40 -6.15 -0.57
CA THR C 179 19.35 -5.05 -0.70
C THR C 179 20.35 -5.01 0.45
N SER C 180 19.86 -5.30 1.65
CA SER C 180 20.72 -5.33 2.83
C SER C 180 21.77 -6.44 2.80
N GLY C 181 21.64 -7.36 1.84
CA GLY C 181 22.61 -8.42 1.71
C GLY C 181 22.15 -9.73 2.34
N GLN C 182 21.01 -9.67 3.04
CA GLN C 182 20.50 -10.87 3.68
C GLN C 182 19.74 -11.72 2.67
N ILE C 183 19.80 -13.04 2.85
CA ILE C 183 19.06 -13.94 2.00
C ILE C 183 17.71 -14.32 2.59
N VAL C 184 16.66 -14.15 1.81
CA VAL C 184 15.34 -14.65 2.20
C VAL C 184 14.75 -15.55 1.13
N SER C 185 13.66 -16.21 1.48
CA SER C 185 13.04 -17.24 0.67
C SER C 185 11.54 -17.06 0.77
N GLY C 186 10.85 -17.14 -0.35
CA GLY C 186 9.41 -16.98 -0.34
C GLY C 186 8.71 -17.63 -1.52
N THR C 187 7.42 -17.37 -1.65
CA THR C 187 6.63 -17.98 -2.70
C THR C 187 6.28 -16.98 -3.79
N VAL C 188 6.49 -17.39 -5.04
CA VAL C 188 6.14 -16.54 -6.17
C VAL C 188 4.63 -16.51 -6.37
N ASP C 189 4.04 -15.32 -6.35
CA ASP C 189 2.63 -15.21 -6.70
C ASP C 189 2.45 -14.90 -8.19
N SER C 190 1.21 -14.94 -8.66
CA SER C 190 0.87 -14.69 -10.07
C SER C 190 1.55 -13.44 -10.66
N ASP C 191 1.62 -12.40 -9.84
CA ASP C 191 2.16 -11.10 -10.26
C ASP C 191 3.69 -11.08 -10.36
N GLY C 192 4.33 -12.18 -9.99
CA GLY C 192 5.79 -12.21 -10.04
C GLY C 192 6.43 -11.61 -8.81
N ASN C 193 5.63 -11.26 -7.81
CA ASN C 193 6.16 -10.78 -6.53
C ASN C 193 6.41 -11.94 -5.57
N ILE C 194 7.32 -11.74 -4.62
CA ILE C 194 7.67 -12.80 -3.68
C ILE C 194 6.96 -12.59 -2.37
N LEU C 195 6.15 -13.58 -1.96
CA LEU C 195 5.40 -13.46 -0.72
C LEU C 195 6.02 -14.23 0.43
N ILE C 196 6.26 -13.52 1.55
CA ILE C 196 6.77 -14.17 2.75
C ILE C 196 5.77 -14.10 3.88
N ASN C 197 5.37 -15.27 4.38
CA ASN C 197 4.46 -15.33 5.52
C ASN C 197 5.23 -15.57 6.82
N LEU C 198 5.28 -14.57 7.68
CA LEU C 198 6.02 -14.70 8.93
C LEU C 198 5.10 -15.00 10.10
N GLN D 1 31.56 28.18 -11.41
CA GLN D 1 30.11 28.36 -11.38
C GLN D 1 29.35 27.04 -11.27
N ASP D 2 30.04 25.95 -11.60
CA ASP D 2 29.42 24.63 -11.59
C ASP D 2 28.95 24.20 -10.18
N ILE D 3 29.70 24.62 -9.17
CA ILE D 3 29.32 24.29 -7.79
C ILE D 3 28.00 24.94 -7.37
N ASN D 4 27.78 26.17 -7.82
CA ASN D 4 26.54 26.89 -7.54
C ASN D 4 25.35 26.29 -8.25
N ALA D 5 25.58 25.84 -9.48
CA ALA D 5 24.56 25.19 -10.29
C ALA D 5 24.10 23.89 -9.63
N GLN D 6 25.06 23.15 -9.07
CA GLN D 6 24.77 21.89 -8.39
C GLN D 6 23.93 22.08 -7.13
N LEU D 7 24.31 23.04 -6.29
CA LEU D 7 23.58 23.32 -5.06
C LEU D 7 22.17 23.83 -5.35
N THR D 8 22.07 24.74 -6.32
CA THR D 8 20.78 25.27 -6.74
C THR D 8 19.86 24.13 -7.16
N THR D 9 20.38 23.22 -7.97
CA THR D 9 19.60 22.05 -8.39
C THR D 9 19.31 21.09 -7.23
N TRP D 10 20.32 20.82 -6.41
CA TRP D 10 20.14 19.94 -5.26
C TRP D 10 19.11 20.46 -4.26
N PHE D 11 19.13 21.77 -4.02
CA PHE D 11 18.16 22.39 -3.11
C PHE D 11 16.79 22.62 -3.74
N SER D 12 16.77 22.96 -5.03
CA SER D 12 15.50 23.12 -5.76
C SER D 12 14.72 21.83 -5.67
N GLN D 13 15.41 20.72 -5.86
CA GLN D 13 14.81 19.39 -5.78
C GLN D 13 14.36 19.09 -4.35
N ARG D 14 15.21 19.42 -3.38
CA ARG D 14 14.89 19.22 -1.97
C ARG D 14 13.76 20.13 -1.50
N LEU D 15 13.69 21.34 -2.05
CA LEU D 15 12.66 22.29 -1.65
C LEU D 15 11.39 22.18 -2.50
N ALA D 16 11.26 21.05 -3.18
CA ALA D 16 10.07 20.79 -4.00
C ALA D 16 8.85 20.70 -3.09
N GLY D 17 7.78 21.38 -3.50
CA GLY D 17 6.56 21.43 -2.72
C GLY D 17 6.50 22.68 -1.86
N PHE D 18 7.66 23.20 -1.50
CA PHE D 18 7.72 24.43 -0.72
C PHE D 18 7.96 25.63 -1.62
N SER D 19 8.94 25.51 -2.50
CA SER D 19 9.32 26.62 -3.38
C SER D 19 9.29 26.26 -4.86
N ASP D 20 9.01 27.25 -5.70
CA ASP D 20 9.02 27.07 -7.15
C ASP D 20 10.13 27.92 -7.78
N GLU D 21 10.92 28.58 -6.92
CA GLU D 21 12.01 29.43 -7.36
C GLU D 21 13.09 29.45 -6.28
N VAL D 22 14.15 28.66 -6.49
CA VAL D 22 15.23 28.49 -5.53
C VAL D 22 16.62 28.90 -6.04
N VAL D 23 17.36 29.65 -5.22
CA VAL D 23 18.72 30.08 -5.57
C VAL D 23 19.72 29.84 -4.42
N VAL D 24 20.74 29.02 -4.70
CA VAL D 24 21.73 28.65 -3.68
C VAL D 24 23.14 29.16 -3.95
N THR D 25 23.81 29.67 -2.90
CA THR D 25 25.17 30.18 -3.02
C THR D 25 26.08 29.71 -1.89
N LEU D 26 27.26 29.19 -2.25
CA LEU D 26 28.25 28.71 -1.28
C LEU D 26 28.92 29.88 -0.55
N ARG D 27 29.05 29.75 0.77
CA ARG D 27 29.67 30.77 1.59
C ARG D 27 31.10 30.41 2.04
N SER D 28 31.31 29.14 2.33
CA SER D 28 32.62 28.65 2.79
C SER D 28 33.67 28.64 1.68
N SER D 29 34.93 28.59 2.09
CA SER D 29 36.06 28.59 1.18
C SER D 29 36.07 27.42 0.19
N PRO D 30 36.31 27.72 -1.10
CA PRO D 30 36.35 26.69 -2.14
C PRO D 30 37.58 25.79 -2.02
N ASN D 31 38.52 26.16 -1.16
CA ASN D 31 39.68 25.31 -0.88
C ASN D 31 39.27 24.16 0.02
N LEU D 32 38.23 24.38 0.80
CA LEU D 32 37.71 23.36 1.71
C LEU D 32 36.83 22.35 0.98
N LEU D 33 36.57 22.61 -0.29
CA LEU D 33 35.77 21.71 -1.11
C LEU D 33 36.43 20.34 -1.26
N PRO D 34 35.63 19.28 -1.29
CA PRO D 34 36.14 17.91 -1.47
C PRO D 34 36.72 17.69 -2.87
N SER D 35 37.57 16.68 -3.00
CA SER D 35 38.28 16.40 -4.26
C SER D 35 37.40 16.05 -5.45
N CYS D 36 36.21 15.50 -5.17
CA CYS D 36 35.30 15.05 -6.22
C CYS D 36 34.70 16.15 -7.11
N GLU D 37 34.34 15.76 -8.32
CA GLU D 37 33.70 16.63 -9.31
C GLU D 37 32.33 17.02 -8.79
N GLN D 38 31.56 16.01 -8.37
CA GLN D 38 30.27 16.22 -7.72
C GLN D 38 30.30 15.79 -6.26
N PRO D 39 30.46 16.76 -5.34
CA PRO D 39 30.40 16.20 -3.99
C PRO D 39 28.99 15.70 -3.70
N ALA D 40 28.89 14.67 -2.86
CA ALA D 40 27.60 14.13 -2.48
C ALA D 40 27.06 14.82 -1.25
N PHE D 41 25.86 15.38 -1.39
CA PHE D 41 25.28 16.17 -0.32
C PHE D 41 24.28 15.43 0.59
N SER D 42 24.53 15.56 1.89
CA SER D 42 23.67 15.03 2.94
C SER D 42 23.50 16.20 3.89
N MET D 43 22.31 16.41 4.44
CA MET D 43 22.19 17.55 5.33
C MET D 43 22.08 17.27 6.82
N THR D 44 23.14 16.71 7.39
CA THR D 44 23.24 16.55 8.82
C THR D 44 24.02 17.77 9.26
N GLY D 45 23.36 18.92 9.39
CA GLY D 45 24.07 20.15 9.66
C GLY D 45 23.55 20.95 10.83
N SER D 46 22.26 21.27 10.78
CA SER D 46 21.60 22.07 11.81
C SER D 46 20.10 21.85 11.67
N ALA D 47 19.76 21.13 10.60
CA ALA D 47 18.40 20.81 10.20
C ALA D 47 17.56 22.05 9.87
N LYS D 48 18.23 23.04 9.30
CA LYS D 48 17.63 24.26 8.78
C LYS D 48 17.37 24.09 7.27
N LEU D 49 16.13 24.24 6.82
CA LEU D 49 15.83 23.97 5.42
C LEU D 49 16.46 24.97 4.45
N TRP D 50 16.42 26.26 4.78
CA TRP D 50 16.94 27.27 3.86
C TRP D 50 17.73 28.33 4.60
N GLY D 51 17.92 29.48 3.96
CA GLY D 51 18.68 30.56 4.56
C GLY D 51 20.17 30.29 4.42
N ASN D 52 20.87 30.26 5.56
CA ASN D 52 22.29 29.97 5.60
C ASN D 52 22.55 28.67 6.35
N VAL D 53 22.92 27.61 5.63
CA VAL D 53 23.04 26.29 6.24
C VAL D 53 24.36 25.53 6.07
N ASN D 54 24.50 24.46 6.86
CA ASN D 54 25.67 23.58 6.78
C ASN D 54 25.33 22.26 6.08
N VAL D 55 26.03 21.98 4.99
CA VAL D 55 25.82 20.74 4.22
C VAL D 55 27.04 19.82 4.25
N VAL D 56 26.81 18.55 4.58
CA VAL D 56 27.91 17.59 4.58
C VAL D 56 28.17 17.09 3.17
N ALA D 57 29.38 17.32 2.67
CA ALA D 57 29.76 16.90 1.32
C ALA D 57 30.68 15.68 1.35
N ARG D 58 30.10 14.51 1.11
CA ARG D 58 30.88 13.27 1.15
C ARG D 58 31.55 12.96 -0.19
N CYS D 59 32.83 12.64 -0.12
CA CYS D 59 33.64 12.38 -1.31
C CYS D 59 34.40 11.07 -1.17
N ALA D 60 33.63 9.99 -1.08
CA ALA D 60 34.18 8.65 -0.90
C ALA D 60 35.13 8.58 0.29
N ASN D 61 34.56 8.49 1.49
CA ASN D 61 35.34 8.41 2.71
C ASN D 61 36.01 9.72 3.16
N GLU D 62 36.03 10.71 2.26
CA GLU D 62 36.52 12.07 2.56
C GLU D 62 35.37 12.98 2.98
N LYS D 63 35.41 13.51 4.20
CA LYS D 63 34.29 14.28 4.73
C LYS D 63 34.55 15.79 4.87
N ARG D 64 33.54 16.58 4.50
CA ARG D 64 33.56 18.05 4.56
C ARG D 64 32.25 18.76 4.89
N TYR D 65 32.37 19.88 5.60
CA TYR D 65 31.22 20.70 5.97
C TYR D 65 31.19 22.03 5.20
N LEU D 66 30.19 22.17 4.33
CA LEU D 66 30.05 23.36 3.50
C LEU D 66 29.01 24.35 4.01
N GLN D 67 29.40 25.60 4.13
CA GLN D 67 28.49 26.67 4.51
C GLN D 67 27.88 27.27 3.24
N VAL D 68 26.56 27.19 3.13
CA VAL D 68 25.87 27.66 1.93
C VAL D 68 24.74 28.65 2.21
N ASN D 69 24.34 29.39 1.18
CA ASN D 69 23.23 30.33 1.29
C ASN D 69 22.07 29.99 0.35
N VAL D 70 20.91 29.68 0.93
CA VAL D 70 19.74 29.26 0.15
C VAL D 70 18.58 30.26 0.10
N GLN D 71 18.29 30.78 -1.08
CA GLN D 71 17.15 31.68 -1.28
C GLN D 71 15.97 30.90 -1.85
N ALA D 72 14.82 31.05 -1.21
CA ALA D 72 13.61 30.33 -1.62
C ALA D 72 12.35 31.19 -1.63
N THR D 73 11.58 31.11 -2.70
CA THR D 73 10.32 31.84 -2.79
C THR D 73 9.14 30.88 -2.91
N GLY D 74 8.12 31.06 -2.06
CA GLY D 74 6.95 30.21 -2.08
C GLY D 74 5.82 30.68 -1.18
N ASN D 75 4.86 29.79 -0.95
CA ASN D 75 3.70 30.10 -0.11
C ASN D 75 3.92 29.91 1.38
N TYR D 76 3.21 30.70 2.17
CA TYR D 76 3.21 30.60 3.62
C TYR D 76 1.85 31.06 4.13
N VAL D 77 1.54 30.72 5.38
CA VAL D 77 0.27 31.14 5.96
C VAL D 77 0.37 32.51 6.62
N ALA D 78 -0.50 33.43 6.20
CA ALA D 78 -0.52 34.78 6.78
C ALA D 78 -1.91 35.09 7.34
N VAL D 79 -1.96 36.01 8.29
CA VAL D 79 -3.22 36.46 8.86
C VAL D 79 -3.98 37.32 7.86
N ALA D 80 -5.26 37.01 7.64
CA ALA D 80 -6.06 37.71 6.65
C ALA D 80 -7.05 38.68 7.28
N ALA D 81 -7.48 38.35 8.50
CA ALA D 81 -8.39 39.20 9.26
C ALA D 81 -7.93 39.18 10.71
N PRO D 82 -8.21 40.25 11.47
CA PRO D 82 -7.76 40.28 12.86
C PRO D 82 -8.25 39.07 13.65
N ILE D 83 -7.34 38.42 14.36
CA ILE D 83 -7.68 37.27 15.17
C ILE D 83 -7.55 37.57 16.65
N ALA D 84 -8.58 37.24 17.42
CA ALA D 84 -8.55 37.46 18.85
C ALA D 84 -7.78 36.33 19.53
N ARG D 85 -7.23 36.64 20.71
CA ARG D 85 -6.58 35.65 21.55
C ARG D 85 -7.55 34.55 21.92
N GLY D 86 -7.14 33.31 21.74
CA GLY D 86 -8.02 32.17 22.00
C GLY D 86 -8.86 31.83 20.78
N GLY D 87 -8.79 32.69 19.76
CA GLY D 87 -9.55 32.50 18.55
C GLY D 87 -8.98 31.44 17.63
N LYS D 88 -9.87 30.70 16.98
CA LYS D 88 -9.48 29.64 16.05
C LYS D 88 -9.04 30.22 14.71
N LEU D 89 -8.04 29.60 14.08
CA LEU D 89 -7.62 30.00 12.75
C LEU D 89 -8.52 29.29 11.74
N THR D 90 -9.15 30.11 10.87
CA THR D 90 -10.15 29.62 9.93
C THR D 90 -9.87 30.16 8.53
N PRO D 91 -10.56 29.61 7.49
CA PRO D 91 -10.42 30.19 6.15
C PRO D 91 -10.80 31.66 6.09
N ALA D 92 -11.58 32.12 7.06
CA ALA D 92 -11.97 33.53 7.13
C ALA D 92 -10.90 34.32 7.87
N ASN D 93 -9.98 33.61 8.53
CA ASN D 93 -8.96 34.25 9.34
C ASN D 93 -7.56 34.25 8.75
N VAL D 94 -7.24 33.19 8.01
CA VAL D 94 -5.91 33.02 7.45
C VAL D 94 -5.95 32.79 5.95
N THR D 95 -4.83 33.02 5.28
CA THR D 95 -4.75 32.82 3.85
C THR D 95 -3.33 32.46 3.45
N LEU D 96 -3.19 31.87 2.27
CA LEU D 96 -1.87 31.56 1.74
C LEU D 96 -1.34 32.77 0.98
N LYS D 97 -0.12 33.17 1.32
CA LYS D 97 0.53 34.28 0.64
C LYS D 97 1.89 33.87 0.10
N ARG D 98 2.32 34.52 -0.98
CA ARG D 98 3.61 34.23 -1.58
C ARG D 98 4.67 35.22 -1.14
N GLY D 99 5.83 34.69 -0.73
CA GLY D 99 6.92 35.53 -0.28
C GLY D 99 8.22 34.79 -0.14
N ARG D 100 9.24 35.49 0.34
CA ARG D 100 10.56 34.91 0.53
C ARG D 100 10.62 34.08 1.81
N LEU D 101 10.77 32.78 1.66
CA LEU D 101 10.79 31.88 2.80
C LEU D 101 11.99 32.14 3.71
N ASP D 102 13.13 32.48 3.11
CA ASP D 102 14.33 32.73 3.88
C ASP D 102 14.27 34.04 4.68
N GLN D 103 13.33 34.91 4.32
CA GLN D 103 13.17 36.18 5.03
C GLN D 103 12.05 36.12 6.06
N LEU D 104 11.23 35.07 5.98
CA LEU D 104 10.11 34.91 6.88
C LEU D 104 10.58 34.72 8.31
N PRO D 105 9.77 35.14 9.29
CA PRO D 105 10.13 34.89 10.69
C PRO D 105 10.18 33.40 10.97
N PRO D 106 10.92 32.99 12.00
CA PRO D 106 11.16 31.59 12.36
C PRO D 106 9.90 30.82 12.70
N ARG D 107 9.89 29.54 12.37
CA ARG D 107 8.77 28.65 12.67
C ARG D 107 7.46 29.15 12.04
N THR D 108 7.57 29.74 10.86
CA THR D 108 6.38 30.19 10.12
C THR D 108 5.67 29.00 9.49
N VAL D 109 4.36 28.92 9.69
CA VAL D 109 3.58 27.84 9.10
C VAL D 109 3.49 27.97 7.59
N LEU D 110 3.88 26.92 6.88
CA LEU D 110 3.90 26.92 5.42
C LEU D 110 2.74 26.14 4.84
N ASP D 111 2.27 25.15 5.58
CA ASP D 111 1.23 24.26 5.08
C ASP D 111 -0.04 24.38 5.92
N ILE D 112 -1.15 24.57 5.22
CA ILE D 112 -2.46 24.72 5.84
C ILE D 112 -2.88 23.51 6.67
N ARG D 113 -2.32 22.35 6.35
CA ARG D 113 -2.64 21.12 7.08
C ARG D 113 -2.15 21.13 8.53
N GLN D 114 -1.15 21.94 8.83
CA GLN D 114 -0.64 22.08 10.20
C GLN D 114 -1.60 22.81 11.15
N ILE D 115 -2.34 23.76 10.59
CA ILE D 115 -3.26 24.66 11.33
C ILE D 115 -4.75 24.36 11.13
N GLN D 116 -5.06 23.12 10.73
CA GLN D 116 -6.43 22.60 10.78
C GLN D 116 -7.26 22.76 12.06
N ASP D 117 -6.62 22.81 13.23
CA ASP D 117 -7.35 23.02 14.48
C ASP D 117 -6.51 23.77 15.50
N ALA D 118 -6.00 24.92 15.09
CA ALA D 118 -5.19 25.74 15.98
C ALA D 118 -5.89 27.03 16.41
N VAL D 119 -5.62 27.41 17.66
CA VAL D 119 -6.14 28.65 18.24
C VAL D 119 -5.00 29.63 18.55
N SER D 120 -5.32 30.92 18.46
CA SER D 120 -4.35 31.98 18.70
C SER D 120 -4.02 32.12 20.17
N LEU D 121 -2.75 32.42 20.44
CA LEU D 121 -2.27 32.67 21.79
C LEU D 121 -2.36 34.15 22.11
N ARG D 122 -2.42 34.98 21.07
CA ARG D 122 -2.51 36.43 21.25
C ARG D 122 -3.33 37.05 20.13
N ASP D 123 -3.49 38.37 20.19
CA ASP D 123 -4.18 39.09 19.11
C ASP D 123 -3.28 39.19 17.89
N LEU D 124 -3.81 38.82 16.73
CA LEU D 124 -3.03 38.86 15.49
C LEU D 124 -3.66 39.80 14.46
N ALA D 125 -2.82 40.56 13.79
CA ALA D 125 -3.27 41.53 12.78
C ALA D 125 -2.97 41.01 11.38
N PRO D 126 -3.82 41.38 10.41
CA PRO D 126 -3.67 40.97 9.00
C PRO D 126 -2.30 41.27 8.39
N GLY D 127 -1.82 40.35 7.56
CA GLY D 127 -0.53 40.50 6.90
C GLY D 127 0.59 39.78 7.64
N GLN D 128 0.41 39.63 8.95
CA GLN D 128 1.39 38.96 9.80
C GLN D 128 1.50 37.48 9.48
N PRO D 129 2.75 36.98 9.33
CA PRO D 129 2.96 35.54 9.10
C PRO D 129 2.58 34.71 10.33
N VAL D 130 1.90 33.59 10.10
CA VAL D 130 1.50 32.71 11.20
C VAL D 130 2.65 31.84 11.70
N GLN D 131 3.04 32.07 12.95
CA GLN D 131 4.14 31.34 13.57
C GLN D 131 3.63 30.35 14.62
N LEU D 132 4.33 29.22 14.76
CA LEU D 132 3.95 28.19 15.71
C LEU D 132 4.06 28.65 17.16
N THR D 133 4.90 29.66 17.39
CA THR D 133 5.07 30.23 18.72
C THR D 133 3.86 31.04 19.16
N MET D 134 3.04 31.42 18.20
CA MET D 134 1.88 32.27 18.46
C MET D 134 0.55 31.51 18.46
N ILE D 135 0.61 30.19 18.25
CA ILE D 135 -0.63 29.40 18.24
C ILE D 135 -0.51 28.17 19.12
N ARG D 136 -1.66 27.54 19.38
CA ARG D 136 -1.71 26.26 20.06
C ARG D 136 -2.45 25.26 19.19
N GLN D 137 -1.75 24.23 18.73
CA GLN D 137 -2.36 23.23 17.87
C GLN D 137 -3.12 22.22 18.73
N ALA D 138 -4.23 21.71 18.19
CA ALA D 138 -4.99 20.65 18.85
C ALA D 138 -4.21 19.35 18.72
N TRP D 139 -4.38 18.44 19.70
CA TRP D 139 -3.74 17.14 19.59
C TRP D 139 -4.37 16.41 18.41
N ARG D 140 -3.54 15.89 17.51
CA ARG D 140 -4.02 15.06 16.41
C ARG D 140 -4.06 13.61 16.88
N VAL D 141 -3.13 13.27 17.76
CA VAL D 141 -3.04 11.92 18.30
C VAL D 141 -3.10 11.98 19.81
N LYS D 142 -3.85 11.06 20.42
CA LYS D 142 -4.00 11.02 21.86
C LYS D 142 -3.42 9.75 22.47
N ALA D 143 -2.78 9.91 23.62
CA ALA D 143 -2.17 8.81 24.37
C ALA D 143 -3.22 7.73 24.61
N GLY D 144 -2.86 6.48 24.37
CA GLY D 144 -3.80 5.38 24.54
C GLY D 144 -4.46 4.94 23.25
N GLN D 145 -4.48 5.82 22.25
CA GLN D 145 -5.09 5.47 20.97
C GLN D 145 -4.21 4.51 20.19
N ARG D 146 -4.84 3.63 19.41
CA ARG D 146 -4.10 2.78 18.50
C ARG D 146 -3.80 3.58 17.25
N VAL D 147 -2.58 3.50 16.76
CA VAL D 147 -2.17 4.25 15.58
C VAL D 147 -1.50 3.36 14.55
N GLN D 148 -1.49 3.81 13.31
CA GLN D 148 -0.78 3.10 12.26
C GLN D 148 0.59 3.75 12.15
N VAL D 149 1.63 2.93 12.18
CA VAL D 149 2.99 3.42 12.06
C VAL D 149 3.55 3.13 10.68
N ILE D 150 4.05 4.15 10.00
CA ILE D 150 4.61 4.00 8.67
C ILE D 150 6.09 4.33 8.63
N ALA D 151 6.92 3.31 8.39
CA ALA D 151 8.36 3.47 8.36
C ALA D 151 8.92 3.31 6.95
N ASN D 152 9.58 4.36 6.45
CA ASN D 152 10.17 4.32 5.12
C ASN D 152 11.70 4.36 5.07
N GLY D 153 12.26 3.65 4.10
CA GLY D 153 13.69 3.58 3.90
C GLY D 153 13.99 3.40 2.42
N GLU D 154 15.24 3.14 2.08
CA GLU D 154 15.62 2.91 0.69
C GLU D 154 15.15 1.54 0.22
N GLY D 155 14.17 1.54 -0.69
CA GLY D 155 13.59 0.30 -1.20
C GLY D 155 13.09 -0.61 -0.09
N PHE D 156 12.45 0.00 0.90
CA PHE D 156 12.08 -0.72 2.12
C PHE D 156 11.02 0.09 2.87
N SER D 157 9.83 -0.48 3.01
CA SER D 157 8.74 0.18 3.73
C SER D 157 7.99 -0.75 4.69
N VAL D 158 7.65 -0.23 5.85
CA VAL D 158 6.98 -1.01 6.88
C VAL D 158 5.70 -0.33 7.37
N ASN D 159 4.62 -1.11 7.45
CA ASN D 159 3.37 -0.64 8.02
C ASN D 159 3.08 -1.52 9.23
N ALA D 160 2.93 -0.89 10.38
CA ALA D 160 2.71 -1.63 11.61
C ALA D 160 1.78 -0.89 12.58
N GLU D 161 1.35 -1.60 13.61
CA GLU D 161 0.40 -1.07 14.58
C GLU D 161 1.07 -0.85 15.92
N GLY D 162 0.57 0.15 16.66
CA GLY D 162 1.06 0.41 18.00
C GLY D 162 0.09 1.24 18.81
N GLN D 163 0.47 1.55 20.04
CA GLN D 163 -0.34 2.41 20.89
C GLN D 163 0.41 3.70 21.19
N ALA D 164 -0.24 4.83 20.92
CA ALA D 164 0.33 6.14 21.21
C ALA D 164 0.60 6.26 22.71
N MET D 165 1.79 6.74 23.06
CA MET D 165 2.12 6.94 24.47
C MET D 165 2.07 8.39 24.93
N ASN D 166 1.90 9.31 23.99
CA ASN D 166 1.74 10.72 24.35
C ASN D 166 0.82 11.47 23.40
N ASN D 167 0.28 12.58 23.88
CA ASN D 167 -0.53 13.46 23.05
C ASN D 167 0.40 14.22 22.13
N ALA D 168 0.00 14.39 20.87
CA ALA D 168 0.83 15.09 19.90
C ALA D 168 0.03 15.76 18.79
N ALA D 169 0.43 16.97 18.43
CA ALA D 169 -0.18 17.67 17.31
C ALA D 169 0.46 17.20 16.01
N VAL D 170 -0.14 17.59 14.89
CA VAL D 170 0.46 17.36 13.56
C VAL D 170 1.88 17.92 13.50
N ALA D 171 2.82 17.07 13.07
CA ALA D 171 4.22 17.42 12.85
C ALA D 171 5.02 17.42 14.16
N GLN D 172 4.39 16.95 15.24
CA GLN D 172 5.08 16.83 16.51
C GLN D 172 5.52 15.38 16.71
N ASN D 173 6.46 15.17 17.62
CA ASN D 173 6.96 13.83 17.90
C ASN D 173 5.95 13.00 18.70
N ALA D 174 5.74 11.75 18.28
CA ALA D 174 4.85 10.85 18.99
C ALA D 174 5.58 9.56 19.34
N ARG D 175 5.56 9.20 20.61
CA ARG D 175 6.16 7.95 21.07
C ARG D 175 5.11 6.85 21.00
N VAL D 176 5.50 5.71 20.45
CA VAL D 176 4.57 4.60 20.22
C VAL D 176 5.06 3.26 20.74
N ARG D 177 4.22 2.56 21.49
CA ARG D 177 4.54 1.20 21.90
C ARG D 177 4.02 0.23 20.83
N MET D 178 4.93 -0.43 20.14
CA MET D 178 4.52 -1.37 19.09
C MET D 178 3.93 -2.62 19.72
N THR D 179 3.14 -3.35 18.93
CA THR D 179 2.55 -4.59 19.40
C THR D 179 3.60 -5.55 19.97
N SER D 180 4.75 -5.59 19.32
CA SER D 180 5.86 -6.42 19.76
C SER D 180 6.43 -5.98 21.10
N GLY D 181 6.03 -4.81 21.58
CA GLY D 181 6.47 -4.30 22.85
C GLY D 181 7.60 -3.30 22.77
N GLN D 182 8.16 -3.11 21.57
CA GLN D 182 9.25 -2.17 21.42
C GLN D 182 8.72 -0.74 21.30
N ILE D 183 9.49 0.21 21.82
CA ILE D 183 9.14 1.61 21.71
C ILE D 183 9.82 2.30 20.52
N VAL D 184 9.00 2.96 19.70
CA VAL D 184 9.50 3.80 18.62
C VAL D 184 8.96 5.22 18.69
N SER D 185 9.53 6.09 17.87
CA SER D 185 9.25 7.52 17.91
C SER D 185 9.18 8.02 16.48
N GLY D 186 8.19 8.84 16.19
CA GLY D 186 8.03 9.36 14.85
C GLY D 186 7.24 10.66 14.82
N THR D 187 6.90 11.10 13.61
CA THR D 187 6.20 12.35 13.42
C THR D 187 4.75 12.14 13.02
N VAL D 188 3.85 12.85 13.69
CA VAL D 188 2.44 12.77 13.35
C VAL D 188 2.17 13.51 12.04
N ASP D 189 1.60 12.80 11.07
CA ASP D 189 1.17 13.48 9.86
C ASP D 189 -0.29 13.90 9.95
N SER D 190 -0.76 14.68 8.97
CA SER D 190 -2.13 15.18 8.91
C SER D 190 -3.19 14.11 9.17
N ASP D 191 -2.94 12.90 8.65
CA ASP D 191 -3.88 11.80 8.74
C ASP D 191 -3.92 11.15 10.13
N GLY D 192 -3.05 11.59 11.03
CA GLY D 192 -3.00 11.00 12.35
C GLY D 192 -2.16 9.73 12.38
N ASN D 193 -1.49 9.43 11.28
CA ASN D 193 -0.55 8.31 11.23
C ASN D 193 0.84 8.76 11.64
N ILE D 194 1.65 7.81 12.12
CA ILE D 194 2.99 8.13 12.59
C ILE D 194 4.04 7.79 11.54
N LEU D 195 4.80 8.78 11.12
CA LEU D 195 5.81 8.57 10.08
C LEU D 195 7.20 8.43 10.68
N ILE D 196 7.86 7.33 10.34
CA ILE D 196 9.24 7.08 10.76
C ILE D 196 10.17 7.04 9.57
N ASN D 197 11.17 7.91 9.57
CA ASN D 197 12.17 7.95 8.52
C ASN D 197 13.44 7.20 8.91
N LEU D 198 13.66 6.04 8.28
CA LEU D 198 14.81 5.21 8.59
C LEU D 198 15.94 5.43 7.60
#